data_7VSG
#
_entry.id   7VSG
#
_cell.length_a   1.00
_cell.length_b   1.00
_cell.length_c   1.00
_cell.angle_alpha   90.00
_cell.angle_beta   90.00
_cell.angle_gamma   90.00
#
_symmetry.space_group_name_H-M   'P 1'
#
loop_
_entity.id
_entity.type
_entity.pdbx_description
1 polymer 'Phospholipid-transporting ATPase IG'
2 polymer 'Cell cycle control protein 50A'
3 branched alpha-D-mannopyranose-(1-4)-2-acetamido-2-deoxy-beta-D-glucopyranose-(1-4)-2-acetamido-2-deoxy-beta-D-glucopyranose
4 non-polymer O-[(S)-({(2R)-2,3-bis[(9Z)-octadec-9-enoyloxy]propyl}oxy)(hydroxy)phosphoryl]-L-serine
5 non-polymer 2-acetamido-2-deoxy-beta-D-glucopyranose
#
loop_
_entity_poly.entity_id
_entity_poly.type
_entity_poly.pdbx_seq_one_letter_code
_entity_poly.pdbx_strand_id
1 'polypeptide(L)'
;RFCAGEEKRVGTRTVFVGNHPVSETEAYIAQRFCDNRIVSSKYTLWNFLPKNLFEQFRRIANFYFLIIFLVQVTVDTPTS
PVTSGLPLFFVITVTAIKQGYEDWLRHRADNEVNKSTVYIIENAKRVRKESEKIKVGDVVEVQADETFPCDLILLSSCTT
DGTCYVTTASLDGESNCKTHYAVRDTIALCTAESIDTLRAAIECEQPQPDLYKFVGRINIYSNSLEAVARSLGPENLLLK
GATLKNTEKIYGVAVYTGMETKMALNYQGKSQKRSAVEKSINAFLIVYLFILLTKAAVCTTLKYVWQSTPYNDEPWYNQK
TQKERETLKVLKMFTDFLSFMVLFNFIIPVSMYVTVEMQKFLGSFFISWDKDFYDEEINEGALVNTSDLNEELGQVDYVF
T(BFD)KTGTLTENSMEFIECCIDGHKYKGVTQEVDGLSQTDGTLTYFDKVDKNREELFLRALCLCHTVEIKTNDAVDGA
TESAELTYISSSPDEIALVKGAKRYGFTFLGNRNGYMRVENQRKEIEEYELLHTLNFDAVRRRMSVIVKTQEGDILLFCK
GADSAVFPRVQNHEIELTKVHVERNAMDGYRTLCVAFKEIAPDDYERINRQLIEAKMALQDREEKMEKVFDDIETNMNLI
GATAVEDKLQDQAAETIEALHAAGLKVWVLTGDKMETAKSTCYACRLFQTNTELLELTTKTIEESERKEDRLHELLIEYR
KKLLHEFPKSTRSFKKAWTEHQEYGLIIDGSTLSLILNSSQDSSSNNYKSIFLQICMKCTAVLCCRMAPLQKAQIVRMVK
NLKGSPITLSIGDGANDVSMILESHVGIGIKGKEGRQAARNSDYSVPKFKHLKKLLLAHGHLYYVRIAHLVQYFFYKNLC
FILPQFLYQFFCGFSQQPLYDAAYLTMYNICFTSLPILAYSLLEQHINIDTLTSDPRLYMKISGNAMLQLGPFLYWTFLA
AFEGTVFFFGTYFLFQTASLEENGKVYGNWTFGTIVFTVLVFTVTLKLALDTRFWTWINHFVIWGSLAFYVFFSFFWGGI
IWPFLKQQRMYFVFAQMLSSVSTWLAIILLIFISLFPEILLIVLKNVR
;
A
2 'polypeptide(L)'
;MAMNYNAKDEVDGGPPCAPGGTAKTRRPDNTAFKQQRLPAWQPILTAGTVLPIFFIIGLIFIPIGIGIFVTSNNIREIEI
DYTGTEPSSPCNKCLSPDVTPCFCTINFTLEKSFEGNVFMYYGLSNFYQNHRRYVKSRDDSQLNGDSSALLNPSKECEPY
RRNEDKPIAPCGAIANSMFNDTLELFLIGNDSYPIPIALKKKGIAWWTDKNVKFRNPPGGDNLEERFKGTTKPVNWLKPV
YMLDSDPDNNGFINEDFIVWMRTAALPTFRKLYRLIERKSDLHPTLPAGRYSLNVTYNYPVHYFDGRKRMILSTISWMGG
KNPFLGIAYIAVGSISFLLGVVLLVINHKYRNSSNTADITI
;
B
#
# COMPACT_ATOMS: atom_id res chain seq x y z
N THR A 12 15.13 2.14 -49.32
CA THR A 12 15.86 1.98 -50.58
C THR A 12 16.66 3.25 -50.91
N ARG A 13 17.98 3.18 -50.70
CA ARG A 13 18.85 4.31 -50.95
C ARG A 13 20.09 3.83 -51.70
N THR A 14 20.90 4.80 -52.13
CA THR A 14 22.13 4.54 -52.88
C THR A 14 23.32 4.79 -51.97
N VAL A 15 24.26 3.83 -51.95
CA VAL A 15 25.44 3.88 -51.10
C VAL A 15 26.67 3.84 -51.99
N PHE A 16 27.61 4.75 -51.75
CA PHE A 16 28.82 4.86 -52.55
C PHE A 16 30.04 4.46 -51.73
N VAL A 17 30.84 3.54 -52.27
CA VAL A 17 32.03 3.07 -51.56
C VAL A 17 33.04 4.19 -51.41
N GLY A 18 33.36 4.88 -52.51
CA GLY A 18 34.31 5.97 -52.43
C GLY A 18 33.71 7.22 -51.82
N ASN A 19 32.39 7.33 -51.85
CA ASN A 19 31.58 8.48 -51.45
C ASN A 19 31.77 9.66 -52.40
N HIS A 20 32.51 9.49 -53.48
CA HIS A 20 32.71 10.52 -54.49
C HIS A 20 32.42 9.93 -55.87
N PRO A 21 31.15 9.69 -56.19
CA PRO A 21 30.82 9.11 -57.50
C PRO A 21 31.21 10.05 -58.64
N VAL A 22 31.63 9.45 -59.75
CA VAL A 22 32.05 10.22 -60.92
C VAL A 22 30.84 10.85 -61.60
N GLN A 31 21.64 15.14 -36.69
CA GLN A 31 21.80 13.71 -36.97
C GLN A 31 20.44 13.02 -37.13
N ARG A 32 19.67 13.48 -38.12
CA ARG A 32 18.37 12.86 -38.39
C ARG A 32 18.52 11.40 -38.77
N PHE A 33 19.54 11.09 -39.58
CA PHE A 33 19.90 9.71 -39.91
C PHE A 33 21.17 9.37 -39.15
N CYS A 34 21.04 8.49 -38.17
CA CYS A 34 22.13 8.21 -37.24
C CYS A 34 23.34 7.64 -37.99
N ASP A 35 24.39 8.45 -38.08
CA ASP A 35 25.64 8.02 -38.70
C ASP A 35 26.47 7.29 -37.66
N ASN A 36 26.03 6.07 -37.36
CA ASN A 36 26.69 5.18 -36.41
C ASN A 36 26.76 5.75 -35.00
N ARG A 37 25.93 6.76 -34.71
CA ARG A 37 25.80 7.32 -33.37
C ARG A 37 24.55 6.71 -32.75
N ILE A 38 24.74 5.74 -31.86
CA ILE A 38 23.65 4.95 -31.31
C ILE A 38 23.50 5.30 -29.84
N VAL A 39 22.26 5.55 -29.42
CA VAL A 39 21.93 5.83 -28.02
C VAL A 39 20.66 5.06 -27.68
N SER A 40 20.69 4.37 -26.53
CA SER A 40 19.55 3.60 -26.06
C SER A 40 18.96 4.11 -24.76
N SER A 41 19.41 5.28 -24.28
CA SER A 41 18.91 5.82 -23.02
C SER A 41 17.47 6.33 -23.19
N LYS A 42 16.61 5.97 -22.23
CA LYS A 42 15.23 6.42 -22.27
C LYS A 42 15.12 7.90 -21.96
N TYR A 43 15.79 8.36 -20.91
CA TYR A 43 15.71 9.74 -20.46
C TYR A 43 16.99 10.48 -20.77
N THR A 44 16.86 11.76 -21.12
CA THR A 44 18.00 12.62 -21.36
C THR A 44 18.57 13.10 -20.03
N LEU A 45 19.90 13.10 -19.93
CA LEU A 45 20.55 13.51 -18.69
C LEU A 45 20.27 14.97 -18.38
N TRP A 46 20.13 15.80 -19.42
CA TRP A 46 19.88 17.22 -19.19
C TRP A 46 18.49 17.47 -18.63
N ASN A 47 17.48 16.79 -19.16
CA ASN A 47 16.10 17.00 -18.76
C ASN A 47 15.49 15.78 -18.08
N PHE A 48 16.27 15.04 -17.28
CA PHE A 48 15.75 13.86 -16.62
C PHE A 48 14.69 14.22 -15.59
N LEU A 49 14.97 15.21 -14.75
CA LEU A 49 14.05 15.54 -13.66
C LEU A 49 12.68 16.00 -14.14
N PRO A 50 12.55 16.99 -15.03
CA PRO A 50 11.18 17.37 -15.47
C PRO A 50 10.44 16.26 -16.17
N LYS A 51 11.14 15.42 -16.94
CA LYS A 51 10.47 14.33 -17.63
C LYS A 51 10.01 13.25 -16.65
N ASN A 52 10.89 12.85 -15.73
CA ASN A 52 10.54 11.80 -14.78
C ASN A 52 9.42 12.24 -13.86
N LEU A 53 9.49 13.47 -13.32
CA LEU A 53 8.47 13.94 -12.40
C LEU A 53 7.12 14.08 -13.11
N PHE A 54 7.12 14.59 -14.34
CA PHE A 54 5.87 14.75 -15.07
C PHE A 54 5.21 13.40 -15.34
N GLU A 55 6.01 12.40 -15.73
CA GLU A 55 5.47 11.06 -15.91
C GLU A 55 5.03 10.45 -14.59
N GLN A 56 5.82 10.65 -13.53
CA GLN A 56 5.50 10.04 -12.25
C GLN A 56 4.22 10.63 -11.65
N PHE A 57 4.06 11.94 -11.73
CA PHE A 57 2.84 12.57 -11.22
C PHE A 57 1.63 12.20 -12.06
N ARG A 58 1.84 11.72 -13.29
CA ARG A 58 0.72 11.30 -14.12
C ARG A 58 -0.06 10.15 -13.49
N ARG A 59 0.64 9.29 -12.75
CA ARG A 59 -0.02 8.19 -12.06
C ARG A 59 -1.06 8.72 -11.08
N ILE A 60 -2.23 8.07 -11.08
CA ILE A 60 -3.33 8.53 -10.24
C ILE A 60 -2.97 8.41 -8.76
N ALA A 61 -2.22 7.36 -8.41
CA ALA A 61 -1.82 7.16 -7.01
C ALA A 61 -0.95 8.30 -6.51
N ASN A 62 0.07 8.68 -7.28
CA ASN A 62 0.99 9.71 -6.83
C ASN A 62 0.37 11.10 -6.94
N PHE A 63 -0.52 11.30 -7.91
CA PHE A 63 -1.19 12.58 -8.04
C PHE A 63 -2.11 12.83 -6.84
N TYR A 64 -2.77 11.79 -6.34
CA TYR A 64 -3.65 11.95 -5.20
C TYR A 64 -2.87 12.38 -3.95
N PHE A 65 -1.68 11.81 -3.75
CA PHE A 65 -0.87 12.20 -2.60
C PHE A 65 -0.46 13.66 -2.67
N LEU A 66 -0.09 14.13 -3.86
CA LEU A 66 0.33 15.52 -4.02
C LEU A 66 -0.84 16.47 -3.80
N ILE A 67 -2.01 16.15 -4.37
CA ILE A 67 -3.13 17.08 -4.32
C ILE A 67 -3.64 17.23 -2.90
N ILE A 68 -3.65 16.14 -2.12
CA ILE A 68 -4.07 16.23 -0.72
C ILE A 68 -3.13 17.12 0.06
N PHE A 69 -1.82 16.96 -0.15
CA PHE A 69 -0.83 17.79 0.55
C PHE A 69 -1.05 19.26 0.27
N LEU A 70 -1.30 19.62 -0.99
CA LEU A 70 -1.52 21.02 -1.33
C LEU A 70 -2.83 21.52 -0.75
N VAL A 71 -3.88 20.69 -0.78
CA VAL A 71 -5.14 21.05 -0.14
C VAL A 71 -4.96 21.17 1.37
N GLN A 72 -4.23 20.22 1.97
CA GLN A 72 -4.14 20.16 3.43
C GLN A 72 -3.55 21.45 4.00
N VAL A 73 -2.43 21.90 3.43
CA VAL A 73 -1.81 23.13 3.91
C VAL A 73 -2.71 24.33 3.61
N THR A 74 -3.45 24.27 2.49
CA THR A 74 -4.23 25.42 2.07
C THR A 74 -5.43 25.67 2.98
N VAL A 75 -6.20 24.62 3.29
CA VAL A 75 -7.48 24.84 3.97
C VAL A 75 -7.46 24.35 5.43
N ASP A 76 -7.18 23.06 5.66
CA ASP A 76 -7.30 22.49 7.00
C ASP A 76 -6.23 21.42 7.20
N THR A 77 -5.62 21.43 8.38
CA THR A 77 -4.57 20.47 8.73
C THR A 77 -4.98 19.67 9.95
N PRO A 78 -5.59 18.49 9.79
CA PRO A 78 -5.83 17.65 10.98
C PRO A 78 -4.54 17.23 11.67
N THR A 79 -3.47 17.01 10.91
CA THR A 79 -2.16 16.73 11.46
C THR A 79 -1.15 17.70 10.85
N SER A 80 0.10 17.58 11.28
CA SER A 80 1.15 18.45 10.76
C SER A 80 1.38 18.12 9.29
N PRO A 81 1.39 19.12 8.40
CA PRO A 81 1.65 18.83 6.98
C PRO A 81 3.01 18.23 6.72
N VAL A 82 3.98 18.45 7.62
CA VAL A 82 5.32 17.90 7.44
C VAL A 82 5.26 16.38 7.39
N THR A 83 4.44 15.78 8.26
CA THR A 83 4.32 14.32 8.26
C THR A 83 3.71 13.79 6.98
N SER A 84 2.70 14.47 6.43
CA SER A 84 2.00 13.94 5.27
C SER A 84 2.86 13.98 4.01
N GLY A 85 3.51 15.11 3.75
CA GLY A 85 4.23 15.28 2.51
C GLY A 85 5.60 14.63 2.44
N LEU A 86 6.26 14.46 3.58
CA LEU A 86 7.63 13.96 3.59
C LEU A 86 7.75 12.56 2.98
N PRO A 87 6.95 11.56 3.35
CA PRO A 87 7.05 10.27 2.64
C PRO A 87 6.73 10.37 1.16
N LEU A 88 5.80 11.25 0.80
CA LEU A 88 5.53 11.50 -0.62
C LEU A 88 6.76 12.07 -1.30
N PHE A 89 7.46 12.99 -0.64
CA PHE A 89 8.74 13.45 -1.15
C PHE A 89 9.77 12.32 -1.11
N PHE A 90 9.66 11.44 -0.12
CA PHE A 90 10.58 10.29 -0.05
C PHE A 90 10.35 9.32 -1.20
N VAL A 91 9.10 8.90 -1.41
CA VAL A 91 8.83 7.85 -2.38
C VAL A 91 9.17 8.31 -3.79
N ILE A 92 9.01 9.61 -4.06
CA ILE A 92 9.38 10.15 -5.37
C ILE A 92 10.90 10.11 -5.54
N THR A 93 11.65 10.47 -4.50
CA THR A 93 13.10 10.48 -4.59
C THR A 93 13.65 9.08 -4.83
N VAL A 94 13.13 8.08 -4.13
CA VAL A 94 13.61 6.71 -4.31
C VAL A 94 13.36 6.24 -5.74
N THR A 95 12.17 6.54 -6.28
CA THR A 95 11.90 6.20 -7.67
C THR A 95 12.79 7.00 -8.61
N ALA A 96 13.08 8.26 -8.25
CA ALA A 96 13.97 9.07 -9.08
C ALA A 96 15.37 8.47 -9.13
N ILE A 97 15.85 7.94 -8.00
CA ILE A 97 17.16 7.28 -7.99
C ILE A 97 17.12 6.02 -8.85
N LYS A 98 16.05 5.24 -8.74
CA LYS A 98 15.97 3.99 -9.50
C LYS A 98 15.90 4.26 -11.00
N GLN A 99 15.08 5.24 -11.40
CA GLN A 99 15.00 5.57 -12.83
C GLN A 99 16.29 6.21 -13.31
N GLY A 100 16.92 7.04 -12.47
CA GLY A 100 18.20 7.62 -12.85
C GLY A 100 19.31 6.57 -12.96
N TYR A 101 19.36 5.64 -12.01
CA TYR A 101 20.40 4.63 -12.03
C TYR A 101 20.26 3.71 -13.24
N GLU A 102 19.03 3.29 -13.55
CA GLU A 102 18.81 2.47 -14.73
C GLU A 102 19.17 3.22 -16.00
N ASP A 103 18.85 4.52 -16.05
CA ASP A 103 19.23 5.33 -17.20
C ASP A 103 20.74 5.50 -17.28
N TRP A 104 21.40 5.62 -16.12
CA TRP A 104 22.85 5.85 -16.12
C TRP A 104 23.59 4.63 -16.65
N LEU A 105 23.07 3.43 -16.39
CA LEU A 105 23.67 2.23 -16.95
C LEU A 105 23.58 2.23 -18.47
N ARG A 106 22.45 2.68 -19.02
CA ARG A 106 22.27 2.68 -20.46
C ARG A 106 23.29 3.59 -21.15
N HIS A 107 23.54 4.77 -20.57
CA HIS A 107 24.53 5.68 -21.13
C HIS A 107 25.92 5.06 -21.08
N ARG A 108 26.27 4.40 -19.97
CA ARG A 108 27.58 3.76 -19.87
C ARG A 108 27.72 2.66 -20.91
N ALA A 109 26.68 1.84 -21.09
CA ALA A 109 26.73 0.78 -22.10
C ALA A 109 26.84 1.38 -23.50
N ASP A 110 26.09 2.46 -23.76
CA ASP A 110 26.21 3.14 -25.05
C ASP A 110 27.59 3.74 -25.22
N ASN A 111 28.15 4.31 -24.14
CA ASN A 111 29.50 4.85 -24.22
C ASN A 111 30.52 3.75 -24.50
N GLU A 112 30.34 2.58 -23.90
CA GLU A 112 31.27 1.48 -24.13
C GLU A 112 31.29 1.06 -25.59
N VAL A 113 30.11 0.98 -26.22
CA VAL A 113 30.06 0.65 -27.64
C VAL A 113 30.58 1.81 -28.48
N ASN A 114 30.17 3.04 -28.15
CA ASN A 114 30.58 4.19 -28.94
C ASN A 114 32.08 4.46 -28.81
N LYS A 115 32.62 4.37 -27.59
CA LYS A 115 34.03 4.65 -27.37
C LYS A 115 34.88 3.40 -27.62
N SER A 116 34.88 2.97 -28.89
CA SER A 116 35.68 1.86 -29.35
C SER A 116 36.50 2.31 -30.56
N THR A 117 37.80 2.02 -30.53
CA THR A 117 38.67 2.45 -31.61
C THR A 117 38.37 1.65 -32.87
N VAL A 118 38.19 2.36 -33.99
CA VAL A 118 37.94 1.75 -35.29
C VAL A 118 38.79 2.44 -36.34
N TYR A 119 39.31 1.67 -37.29
CA TYR A 119 40.20 2.16 -38.33
C TYR A 119 39.50 2.17 -39.68
N ILE A 120 39.58 3.30 -40.39
CA ILE A 120 38.98 3.44 -41.71
C ILE A 120 39.98 4.08 -42.67
N ILE A 121 39.63 4.07 -43.94
CA ILE A 121 40.46 4.63 -45.01
C ILE A 121 39.81 5.91 -45.49
N GLU A 122 40.51 7.04 -45.31
CA GLU A 122 40.08 8.33 -45.82
C GLU A 122 41.20 8.91 -46.67
N ASN A 123 40.89 9.21 -47.93
CA ASN A 123 41.89 9.68 -48.89
C ASN A 123 43.09 8.75 -48.95
N ALA A 124 42.82 7.44 -48.94
CA ALA A 124 43.84 6.39 -48.96
C ALA A 124 44.81 6.51 -47.78
N LYS A 125 44.30 6.96 -46.63
CA LYS A 125 45.09 7.11 -45.42
C LYS A 125 44.37 6.45 -44.26
N ARG A 126 45.10 5.64 -43.49
CA ARG A 126 44.53 5.01 -42.31
C ARG A 126 44.51 5.98 -41.14
N VAL A 127 43.33 6.19 -40.55
CA VAL A 127 43.17 7.06 -39.40
C VAL A 127 42.29 6.39 -38.36
N ARG A 128 42.42 6.84 -37.11
CA ARG A 128 41.72 6.25 -35.97
C ARG A 128 40.67 7.22 -35.43
N LYS A 129 39.44 6.74 -35.30
CA LYS A 129 38.34 7.49 -34.71
C LYS A 129 37.32 6.52 -34.11
N GLU A 130 36.28 7.09 -33.51
CA GLU A 130 35.28 6.31 -32.80
C GLU A 130 34.20 5.77 -33.74
N SER A 131 33.30 4.96 -33.17
CA SER A 131 32.21 4.38 -33.95
C SER A 131 31.24 5.44 -34.45
N GLU A 132 30.90 6.41 -33.58
CA GLU A 132 29.87 7.39 -33.93
C GLU A 132 30.28 8.26 -35.11
N LYS A 133 31.57 8.27 -35.45
CA LYS A 133 32.01 9.10 -36.57
C LYS A 133 31.77 8.40 -37.92
N ILE A 134 31.74 7.06 -37.92
CA ILE A 134 31.55 6.32 -39.17
C ILE A 134 30.20 6.65 -39.77
N LYS A 135 30.16 6.80 -41.10
CA LYS A 135 28.96 7.18 -41.81
C LYS A 135 28.72 6.23 -42.98
N VAL A 136 27.61 6.45 -43.69
CA VAL A 136 27.23 5.56 -44.78
C VAL A 136 28.26 5.62 -45.89
N GLY A 137 28.54 4.46 -46.48
CA GLY A 137 29.43 4.35 -47.62
C GLY A 137 30.91 4.36 -47.28
N ASP A 138 31.27 4.52 -46.01
CA ASP A 138 32.67 4.58 -45.64
C ASP A 138 33.32 3.21 -45.75
N VAL A 139 34.61 3.21 -46.06
CA VAL A 139 35.39 1.98 -46.16
C VAL A 139 36.08 1.75 -44.82
N VAL A 140 35.85 0.59 -44.22
CA VAL A 140 36.31 0.29 -42.87
C VAL A 140 37.22 -0.93 -42.93
N GLU A 141 38.43 -0.80 -42.40
CA GLU A 141 39.36 -1.93 -42.30
C GLU A 141 39.14 -2.63 -40.97
N VAL A 142 38.65 -3.86 -41.02
CA VAL A 142 38.35 -4.65 -39.83
C VAL A 142 39.41 -5.72 -39.67
N GLN A 143 40.14 -5.67 -38.56
CA GLN A 143 41.20 -6.61 -38.28
C GLN A 143 40.64 -7.90 -37.69
N ALA A 144 41.55 -8.85 -37.43
CA ALA A 144 41.14 -10.12 -36.86
C ALA A 144 40.70 -9.97 -35.41
N ASP A 145 39.69 -10.76 -35.04
CA ASP A 145 39.21 -10.85 -33.65
C ASP A 145 38.78 -9.50 -33.10
N GLU A 146 38.06 -8.73 -33.90
CA GLU A 146 37.39 -7.52 -33.43
C GLU A 146 35.99 -7.47 -34.01
N THR A 147 35.04 -7.06 -33.17
CA THR A 147 33.63 -7.05 -33.58
C THR A 147 33.39 -5.97 -34.64
N PHE A 148 32.47 -6.24 -35.54
CA PHE A 148 32.21 -5.31 -36.64
C PHE A 148 31.47 -4.09 -36.13
N PRO A 149 31.95 -2.88 -36.41
CA PRO A 149 31.23 -1.68 -35.95
C PRO A 149 29.82 -1.56 -36.53
N CYS A 150 29.63 -1.99 -37.78
CA CYS A 150 28.32 -1.92 -38.42
C CYS A 150 28.26 -2.98 -39.51
N ASP A 151 27.05 -3.28 -39.95
CA ASP A 151 26.87 -4.26 -41.02
C ASP A 151 27.45 -3.71 -42.32
N LEU A 152 28.22 -4.54 -43.01
CA LEU A 152 29.07 -4.08 -44.10
C LEU A 152 29.03 -5.03 -45.27
N ILE A 153 29.23 -4.47 -46.47
CA ILE A 153 29.49 -5.28 -47.65
C ILE A 153 30.95 -5.68 -47.68
N LEU A 154 31.21 -6.95 -47.98
CA LEU A 154 32.57 -7.46 -48.07
C LEU A 154 33.10 -7.21 -49.47
N LEU A 155 34.08 -6.31 -49.60
CA LEU A 155 34.65 -5.94 -50.88
C LEU A 155 35.97 -6.64 -51.16
N SER A 156 36.96 -6.45 -50.29
CA SER A 156 38.31 -6.96 -50.52
C SER A 156 38.80 -7.70 -49.29
N SER A 157 39.43 -8.85 -49.50
CA SER A 157 40.07 -9.62 -48.45
C SER A 157 41.40 -10.14 -48.97
N CYS A 158 42.45 -10.00 -48.17
CA CYS A 158 43.77 -10.47 -48.57
C CYS A 158 43.81 -11.99 -48.66
N THR A 159 42.90 -12.66 -47.96
CA THR A 159 42.84 -14.12 -48.00
C THR A 159 42.42 -14.59 -49.39
N THR A 160 42.77 -15.84 -49.69
CA THR A 160 42.48 -16.40 -51.00
C THR A 160 40.97 -16.51 -51.21
N ASP A 161 40.51 -16.10 -52.41
CA ASP A 161 39.11 -16.19 -52.83
C ASP A 161 38.17 -15.37 -51.97
N GLY A 162 38.71 -14.50 -51.11
CA GLY A 162 37.85 -13.68 -50.25
C GLY A 162 36.95 -14.48 -49.34
N THR A 163 37.46 -15.58 -48.79
CA THR A 163 36.67 -16.44 -47.91
C THR A 163 36.83 -15.99 -46.48
N CYS A 164 35.74 -15.51 -45.88
CA CYS A 164 35.73 -15.00 -44.52
C CYS A 164 34.79 -15.83 -43.66
N TYR A 165 35.26 -16.23 -42.48
CA TYR A 165 34.47 -16.96 -41.51
C TYR A 165 34.17 -16.05 -40.32
N VAL A 166 32.90 -15.98 -39.94
CA VAL A 166 32.46 -15.17 -38.81
C VAL A 166 31.58 -16.01 -37.91
N THR A 167 31.75 -15.84 -36.60
CA THR A 167 30.89 -16.49 -35.62
C THR A 167 29.76 -15.54 -35.26
N THR A 168 28.54 -15.87 -35.70
CA THR A 168 27.37 -15.02 -35.49
C THR A 168 26.79 -15.25 -34.09
N ALA A 169 27.64 -15.08 -33.09
CA ALA A 169 27.23 -15.33 -31.71
C ALA A 169 26.11 -14.39 -31.29
N SER A 170 26.23 -13.11 -31.63
CA SER A 170 25.23 -12.14 -31.20
C SER A 170 23.94 -12.27 -32.01
N LEU A 171 24.05 -12.68 -33.27
CA LEU A 171 22.88 -12.66 -34.15
C LEU A 171 21.87 -13.73 -33.79
N ASP A 172 22.32 -14.97 -33.59
CA ASP A 172 21.42 -16.09 -33.33
C ASP A 172 21.78 -16.90 -32.11
N GLY A 173 22.74 -16.45 -31.29
CA GLY A 173 23.09 -17.20 -30.10
C GLY A 173 23.95 -18.42 -30.35
N GLU A 174 24.42 -18.61 -31.57
CA GLU A 174 25.25 -19.76 -31.93
C GLU A 174 26.63 -19.27 -32.35
N SER A 175 27.66 -20.02 -31.99
CA SER A 175 29.05 -19.63 -32.25
C SER A 175 29.71 -20.69 -33.13
N ASN A 176 29.56 -20.52 -34.44
CA ASN A 176 30.25 -21.34 -35.43
C ASN A 176 30.58 -20.47 -36.64
N CYS A 177 31.59 -20.90 -37.39
CA CYS A 177 32.06 -20.11 -38.52
C CYS A 177 31.00 -20.09 -39.63
N LYS A 178 30.72 -18.90 -40.13
CA LYS A 178 29.80 -18.70 -41.25
C LYS A 178 30.58 -18.17 -42.44
N THR A 179 30.47 -18.85 -43.57
CA THR A 179 31.22 -18.47 -44.76
C THR A 179 30.62 -17.22 -45.39
N HIS A 180 31.49 -16.29 -45.76
CA HIS A 180 31.08 -15.08 -46.47
C HIS A 180 32.08 -14.81 -47.59
N TYR A 181 31.59 -14.25 -48.69
CA TYR A 181 32.38 -14.06 -49.90
C TYR A 181 32.42 -12.58 -50.25
N ALA A 182 33.60 -12.12 -50.67
CA ALA A 182 33.76 -10.75 -51.12
C ALA A 182 33.21 -10.57 -52.53
N VAL A 183 33.11 -9.31 -52.97
CA VAL A 183 32.63 -9.03 -54.31
C VAL A 183 33.63 -9.54 -55.33
N ARG A 184 33.11 -10.24 -56.34
CA ARG A 184 33.97 -11.05 -57.22
C ARG A 184 35.00 -10.20 -57.95
N ASP A 185 34.67 -8.95 -58.25
CA ASP A 185 35.63 -8.09 -58.93
C ASP A 185 36.78 -7.70 -58.01
N THR A 186 36.50 -7.57 -56.71
CA THR A 186 37.48 -7.08 -55.75
C THR A 186 38.00 -8.16 -54.81
N ILE A 187 37.75 -9.44 -55.10
CA ILE A 187 38.32 -10.50 -54.27
C ILE A 187 39.84 -10.52 -54.40
N ALA A 188 40.36 -10.22 -55.59
CA ALA A 188 41.80 -10.24 -55.80
C ALA A 188 42.48 -9.03 -55.18
N LEU A 189 41.72 -7.99 -54.83
CA LEU A 189 42.30 -6.79 -54.26
C LEU A 189 42.92 -7.08 -52.89
N CYS A 190 44.24 -6.93 -52.82
CA CYS A 190 45.01 -7.10 -51.61
C CYS A 190 45.14 -5.75 -50.89
N THR A 191 46.01 -5.68 -49.88
CA THR A 191 46.22 -4.45 -49.12
C THR A 191 47.20 -3.57 -49.89
N ALA A 192 46.73 -3.09 -51.06
CA ALA A 192 47.44 -2.07 -51.82
C ALA A 192 46.41 -1.07 -52.35
N GLU A 193 46.08 -0.08 -51.52
CA GLU A 193 45.16 1.01 -51.85
C GLU A 193 43.98 0.51 -52.68
N SER A 194 43.23 -0.45 -52.10
CA SER A 194 42.14 -1.07 -52.84
C SER A 194 41.08 -0.05 -53.23
N ILE A 195 40.69 0.81 -52.29
CA ILE A 195 39.75 1.88 -52.58
C ILE A 195 40.52 3.13 -52.99
N ASP A 196 40.88 3.23 -54.26
CA ASP A 196 41.59 4.38 -54.81
C ASP A 196 40.60 5.22 -55.60
N THR A 197 39.88 6.11 -54.90
CA THR A 197 38.81 6.91 -55.49
C THR A 197 37.83 6.02 -56.24
N LEU A 198 37.33 4.99 -55.55
CA LEU A 198 36.41 4.05 -56.15
C LEU A 198 35.07 4.73 -56.46
N ARG A 199 34.52 4.42 -57.62
CA ARG A 199 33.25 4.98 -58.07
C ARG A 199 32.08 4.03 -57.88
N ALA A 200 32.23 3.02 -57.01
CA ALA A 200 31.16 2.06 -56.79
C ALA A 200 29.91 2.75 -56.24
N ALA A 201 28.76 2.41 -56.79
CA ALA A 201 27.47 3.00 -56.39
C ALA A 201 26.52 1.86 -56.04
N ILE A 202 26.55 1.45 -54.77
CA ILE A 202 25.69 0.36 -54.33
C ILE A 202 24.28 0.87 -54.11
N GLU A 203 23.32 0.22 -54.75
CA GLU A 203 21.91 0.50 -54.55
C GLU A 203 21.32 -0.59 -53.68
N CYS A 204 20.77 -0.21 -52.53
CA CYS A 204 20.37 -1.14 -51.50
C CYS A 204 18.92 -0.91 -51.10
N GLU A 205 18.34 -1.95 -50.50
CA GLU A 205 16.97 -1.91 -50.00
C GLU A 205 16.91 -1.16 -48.66
N GLN A 206 15.69 -0.99 -48.17
CA GLN A 206 15.51 -0.37 -46.87
C GLN A 206 15.98 -1.33 -45.77
N PRO A 207 16.43 -0.82 -44.63
CA PRO A 207 16.78 -1.72 -43.52
C PRO A 207 15.57 -2.46 -43.01
N GLN A 208 15.69 -3.78 -42.92
CA GLN A 208 14.59 -4.64 -42.55
C GLN A 208 15.06 -5.67 -41.52
N PRO A 209 14.17 -6.09 -40.62
CA PRO A 209 14.57 -7.05 -39.56
C PRO A 209 14.38 -8.50 -39.98
N ASP A 210 14.97 -8.88 -41.11
CA ASP A 210 14.93 -10.26 -41.58
C ASP A 210 16.25 -10.99 -41.35
N LEU A 211 17.19 -10.38 -40.63
CA LEU A 211 18.46 -11.00 -40.24
C LEU A 211 19.22 -11.39 -41.49
N TYR A 212 19.44 -12.67 -41.78
CA TYR A 212 20.31 -13.07 -42.88
C TYR A 212 19.75 -12.63 -44.23
N LYS A 213 18.43 -12.66 -44.39
CA LYS A 213 17.81 -12.35 -45.67
C LYS A 213 18.13 -10.91 -46.07
N PHE A 214 18.59 -10.74 -47.31
CA PHE A 214 19.03 -9.45 -47.80
C PHE A 214 19.14 -9.50 -49.32
N VAL A 215 18.80 -8.37 -49.96
CA VAL A 215 18.94 -8.21 -51.40
C VAL A 215 19.61 -6.87 -51.66
N GLY A 216 20.58 -6.86 -52.58
CA GLY A 216 21.28 -5.65 -52.94
C GLY A 216 21.66 -5.64 -54.40
N ARG A 217 21.94 -4.44 -54.91
CA ARG A 217 22.32 -4.23 -56.30
C ARG A 217 23.62 -3.43 -56.33
N ILE A 218 24.75 -4.14 -56.36
CA ILE A 218 26.04 -3.48 -56.36
C ILE A 218 26.41 -3.03 -57.78
N ASN A 219 27.02 -1.85 -57.86
CA ASN A 219 27.49 -1.29 -59.13
C ASN A 219 28.90 -0.71 -58.91
N ILE A 220 29.91 -1.55 -59.10
CA ILE A 220 31.30 -1.12 -58.96
C ILE A 220 31.85 -0.79 -60.34
N TYR A 221 32.22 0.48 -60.54
CA TYR A 221 32.75 0.94 -61.81
C TYR A 221 34.09 1.63 -61.58
N SER A 222 35.12 1.15 -62.27
CA SER A 222 36.45 1.74 -62.17
C SER A 222 36.53 2.96 -63.08
N ASN A 223 37.76 3.46 -63.27
CA ASN A 223 37.95 4.61 -64.15
C ASN A 223 37.54 4.28 -65.58
N SER A 224 37.87 3.08 -66.06
CA SER A 224 37.41 2.65 -67.36
C SER A 224 35.95 2.24 -67.30
N LEU A 225 35.29 2.30 -68.46
CA LEU A 225 33.89 1.91 -68.55
C LEU A 225 33.72 0.44 -68.20
N GLU A 226 32.76 0.15 -67.33
CA GLU A 226 32.51 -1.21 -66.87
C GLU A 226 31.02 -1.38 -66.59
N ALA A 227 30.53 -2.60 -66.76
CA ALA A 227 29.15 -2.94 -66.48
C ALA A 227 29.12 -4.08 -65.48
N VAL A 228 28.45 -3.85 -64.35
CA VAL A 228 28.35 -4.83 -63.27
C VAL A 228 26.88 -5.11 -63.01
N ALA A 229 26.48 -6.36 -63.17
CA ALA A 229 25.11 -6.79 -62.90
C ALA A 229 25.02 -7.68 -61.66
N ARG A 230 26.04 -7.68 -60.81
CA ARG A 230 26.05 -8.54 -59.64
C ARG A 230 24.94 -8.15 -58.69
N SER A 231 24.27 -9.16 -58.13
CA SER A 231 23.21 -8.96 -57.14
C SER A 231 23.73 -9.41 -55.78
N LEU A 232 23.77 -8.46 -54.83
CA LEU A 232 24.26 -8.77 -53.50
C LEU A 232 23.28 -9.70 -52.78
N GLY A 233 23.85 -10.60 -51.97
CA GLY A 233 23.05 -11.57 -51.25
C GLY A 233 23.45 -11.69 -49.79
N PRO A 234 22.85 -12.65 -49.09
CA PRO A 234 23.18 -12.82 -47.67
C PRO A 234 24.64 -13.11 -47.41
N GLU A 235 25.29 -13.88 -48.29
CA GLU A 235 26.69 -14.23 -48.08
C GLU A 235 27.59 -13.00 -48.23
N ASN A 236 27.26 -12.11 -49.16
CA ASN A 236 28.10 -10.94 -49.38
C ASN A 236 28.02 -9.97 -48.21
N LEU A 237 26.84 -9.79 -47.63
CA LEU A 237 26.64 -8.84 -46.54
C LEU A 237 26.97 -9.50 -45.20
N LEU A 238 27.80 -8.83 -44.41
CA LEU A 238 28.15 -9.26 -43.07
C LEU A 238 27.40 -8.39 -42.07
N LEU A 239 26.66 -9.03 -41.16
CA LEU A 239 25.78 -8.30 -40.26
C LEU A 239 26.54 -7.74 -39.07
N LYS A 240 26.03 -6.64 -38.52
CA LYS A 240 26.66 -6.01 -37.36
C LYS A 240 26.54 -6.90 -36.13
N GLY A 241 27.59 -6.88 -35.31
CA GLY A 241 27.63 -7.64 -34.08
C GLY A 241 28.37 -8.96 -34.17
N ALA A 242 28.63 -9.45 -35.38
CA ALA A 242 29.36 -10.69 -35.54
C ALA A 242 30.83 -10.50 -35.16
N THR A 243 31.48 -11.60 -34.83
CA THR A 243 32.89 -11.60 -34.43
C THR A 243 33.72 -12.21 -35.55
N LEU A 244 34.71 -11.46 -36.04
CA LEU A 244 35.61 -11.98 -37.06
C LEU A 244 36.51 -13.04 -36.46
N LYS A 245 36.29 -14.30 -36.84
CA LYS A 245 37.00 -15.44 -36.27
C LYS A 245 37.78 -16.16 -37.36
N ASN A 246 39.07 -16.37 -37.12
CA ASN A 246 39.96 -17.09 -38.04
C ASN A 246 40.00 -16.43 -39.42
N THR A 247 39.88 -15.10 -39.45
CA THR A 247 39.96 -14.35 -40.70
C THR A 247 40.85 -13.13 -40.48
N GLU A 248 41.72 -12.87 -41.45
CA GLU A 248 42.67 -11.76 -41.36
C GLU A 248 41.92 -10.47 -41.70
N LYS A 249 42.65 -9.35 -41.82
CA LYS A 249 42.04 -8.05 -42.02
C LYS A 249 41.19 -8.01 -43.28
N ILE A 250 40.00 -7.43 -43.17
CA ILE A 250 39.09 -7.27 -44.30
C ILE A 250 38.66 -5.80 -44.38
N TYR A 251 38.03 -5.45 -45.49
CA TYR A 251 37.56 -4.09 -45.75
C TYR A 251 36.06 -4.13 -45.99
N GLY A 252 35.32 -3.36 -45.19
CA GLY A 252 33.87 -3.34 -45.26
C GLY A 252 33.35 -1.95 -45.54
N VAL A 253 32.27 -1.88 -46.32
CA VAL A 253 31.60 -0.62 -46.63
C VAL A 253 30.26 -0.60 -45.91
N ALA A 254 30.01 0.46 -45.14
CA ALA A 254 28.80 0.56 -44.36
C ALA A 254 27.59 0.87 -45.23
N VAL A 255 27.01 -0.18 -45.84
CA VAL A 255 25.80 0.02 -46.63
C VAL A 255 24.64 0.41 -45.73
N TYR A 256 24.64 -0.08 -44.49
CA TYR A 256 23.74 0.39 -43.44
C TYR A 256 24.59 0.85 -42.27
N THR A 257 24.16 1.92 -41.62
CA THR A 257 24.96 2.58 -40.60
C THR A 257 24.13 2.86 -39.36
N GLY A 258 24.72 2.60 -38.19
CA GLY A 258 24.12 2.95 -36.92
C GLY A 258 22.93 2.12 -36.50
N MET A 259 21.83 2.80 -36.14
CA MET A 259 20.62 2.11 -35.75
C MET A 259 20.15 1.17 -36.84
N GLU A 260 20.25 1.60 -38.10
CA GLU A 260 19.76 0.82 -39.22
C GLU A 260 20.67 -0.38 -39.43
N THR A 261 20.35 -1.47 -38.73
CA THR A 261 21.08 -2.73 -38.80
C THR A 261 20.12 -3.85 -38.44
N LYS A 262 20.55 -5.11 -38.59
CA LYS A 262 19.76 -6.20 -38.04
C LYS A 262 20.14 -6.52 -36.60
N MET A 263 21.28 -6.02 -36.11
CA MET A 263 21.59 -6.11 -34.69
C MET A 263 20.82 -5.10 -33.86
N ALA A 264 20.57 -3.90 -34.40
CA ALA A 264 19.74 -2.90 -33.76
C ALA A 264 18.37 -2.89 -34.44
N LEU A 265 17.46 -2.11 -33.87
CA LEU A 265 16.04 -2.03 -34.22
C LEU A 265 15.31 -3.32 -33.88
N ASN A 266 16.01 -4.34 -33.40
CA ASN A 266 15.38 -5.50 -32.79
C ASN A 266 15.27 -5.36 -31.28
N TYR A 267 15.88 -4.31 -30.71
CA TYR A 267 15.78 -4.09 -29.27
C TYR A 267 14.39 -3.61 -28.88
N GLN A 268 13.76 -2.81 -29.74
CA GLN A 268 12.46 -2.18 -29.52
C GLN A 268 12.48 -1.17 -28.37
N GLY A 269 13.65 -0.80 -27.88
CA GLY A 269 13.71 0.07 -26.73
C GLY A 269 13.30 -0.66 -25.46
N LYS A 270 13.19 0.10 -24.38
CA LYS A 270 12.77 -0.44 -23.09
C LYS A 270 11.47 0.21 -22.67
N SER A 271 10.45 -0.60 -22.43
CA SER A 271 9.14 -0.12 -22.00
C SER A 271 8.95 -0.28 -20.49
N GLN A 272 10.04 -0.46 -19.75
CA GLN A 272 10.04 -0.66 -18.30
C GLN A 272 9.31 -1.95 -17.97
N LYS A 273 9.23 -2.31 -16.69
CA LYS A 273 8.62 -3.55 -16.24
C LYS A 273 7.46 -3.24 -15.30
N ARG A 274 6.30 -3.80 -15.58
CA ARG A 274 5.12 -3.67 -14.74
C ARG A 274 4.77 -5.04 -14.16
N SER A 275 4.49 -5.07 -12.86
CA SER A 275 4.20 -6.30 -12.15
C SER A 275 2.72 -6.43 -11.88
N ALA A 276 2.27 -7.68 -11.72
CA ALA A 276 0.86 -7.94 -11.47
C ALA A 276 0.40 -7.34 -10.15
N VAL A 277 1.23 -7.44 -9.12
CA VAL A 277 0.86 -6.93 -7.80
C VAL A 277 0.68 -5.42 -7.85
N GLU A 278 1.60 -4.71 -8.53
CA GLU A 278 1.47 -3.26 -8.65
C GLU A 278 0.21 -2.89 -9.42
N LYS A 279 -0.23 -3.75 -10.34
CA LYS A 279 -1.51 -3.54 -11.01
C LYS A 279 -2.66 -3.66 -10.01
N SER A 280 -2.57 -4.60 -9.08
CA SER A 280 -3.64 -4.77 -8.09
C SER A 280 -3.63 -3.65 -7.06
N ILE A 281 -2.45 -3.09 -6.76
CA ILE A 281 -2.40 -1.95 -5.84
C ILE A 281 -3.15 -0.76 -6.42
N ASN A 282 -2.90 -0.46 -7.70
CA ASN A 282 -3.61 0.64 -8.35
C ASN A 282 -5.10 0.34 -8.47
N ALA A 283 -5.47 -0.91 -8.75
CA ALA A 283 -6.87 -1.27 -8.81
C ALA A 283 -7.54 -1.10 -7.45
N PHE A 284 -6.84 -1.47 -6.38
CA PHE A 284 -7.40 -1.27 -5.04
C PHE A 284 -7.41 0.20 -4.65
N LEU A 285 -6.39 0.96 -5.07
CA LEU A 285 -6.31 2.36 -4.68
C LEU A 285 -7.44 3.18 -5.30
N ILE A 286 -7.84 2.83 -6.52
CA ILE A 286 -8.93 3.56 -7.15
C ILE A 286 -10.27 3.20 -6.52
N VAL A 287 -10.39 1.99 -5.96
CA VAL A 287 -11.62 1.62 -5.26
C VAL A 287 -11.78 2.45 -3.99
N TYR A 288 -10.73 2.55 -3.19
CA TYR A 288 -10.84 3.31 -1.94
C TYR A 288 -10.83 4.81 -2.20
N LEU A 289 -10.33 5.24 -3.35
CA LEU A 289 -10.49 6.63 -3.75
C LEU A 289 -11.96 6.94 -4.01
N PHE A 290 -12.69 5.99 -4.58
CA PHE A 290 -14.13 6.19 -4.79
C PHE A 290 -14.90 6.10 -3.48
N ILE A 291 -14.48 5.21 -2.57
CA ILE A 291 -15.10 5.16 -1.26
C ILE A 291 -14.82 6.44 -0.48
N LEU A 292 -13.58 6.96 -0.58
CA LEU A 292 -13.26 8.22 0.08
C LEU A 292 -14.10 9.36 -0.45
N LEU A 293 -14.31 9.40 -1.77
CA LEU A 293 -15.20 10.39 -2.35
C LEU A 293 -16.63 10.19 -1.85
N THR A 294 -17.09 8.95 -1.79
CA THR A 294 -18.42 8.67 -1.26
C THR A 294 -18.53 9.05 0.21
N LYS A 295 -17.50 8.73 0.99
CA LYS A 295 -17.53 9.06 2.42
C LYS A 295 -17.56 10.58 2.62
N ALA A 296 -16.75 11.32 1.86
CA ALA A 296 -16.74 12.77 1.98
C ALA A 296 -18.03 13.39 1.45
N ALA A 297 -18.54 12.88 0.33
CA ALA A 297 -19.73 13.46 -0.29
C ALA A 297 -20.96 13.29 0.60
N VAL A 298 -21.12 12.09 1.18
CA VAL A 298 -22.31 11.85 2.00
C VAL A 298 -22.29 12.70 3.26
N CYS A 299 -21.09 12.93 3.83
CA CYS A 299 -21.00 13.78 5.00
C CYS A 299 -21.38 15.22 4.68
N THR A 300 -20.87 15.76 3.57
CA THR A 300 -21.21 17.12 3.18
C THR A 300 -22.69 17.26 2.88
N THR A 301 -23.27 16.30 2.16
CA THR A 301 -24.69 16.34 1.85
C THR A 301 -25.52 16.27 3.13
N LEU A 302 -25.20 15.32 4.01
CA LEU A 302 -25.94 15.20 5.26
C LEU A 302 -25.68 16.38 6.18
N LYS A 303 -24.52 17.01 6.07
CA LYS A 303 -24.18 18.10 6.98
C LYS A 303 -25.11 19.29 6.79
N TYR A 304 -25.34 19.69 5.54
CA TYR A 304 -26.17 20.86 5.28
C TYR A 304 -27.65 20.54 5.46
N VAL A 305 -28.06 19.30 5.23
CA VAL A 305 -29.42 18.89 5.57
C VAL A 305 -29.62 19.01 7.08
N TRP A 306 -28.60 18.58 7.85
CA TRP A 306 -28.67 18.72 9.30
C TRP A 306 -28.63 20.18 9.73
N GLN A 307 -27.80 21.00 9.06
CA GLN A 307 -27.72 22.41 9.42
C GLN A 307 -28.85 23.24 8.82
N SER A 308 -29.74 22.65 8.02
CA SER A 308 -30.87 23.42 7.50
C SER A 308 -31.73 23.96 8.64
N THR A 309 -31.81 23.22 9.75
CA THR A 309 -32.53 23.70 10.92
C THR A 309 -31.85 24.95 11.48
N PRO A 310 -32.63 25.97 11.84
CA PRO A 310 -32.00 27.23 12.31
C PRO A 310 -31.11 27.08 13.53
N TYR A 311 -31.45 26.22 14.49
CA TYR A 311 -30.69 26.18 15.72
C TYR A 311 -29.53 25.19 15.71
N ASN A 312 -29.53 24.22 14.78
CA ASN A 312 -28.40 23.30 14.70
C ASN A 312 -27.10 24.02 14.39
N ASP A 313 -27.14 24.97 13.45
CA ASP A 313 -25.96 25.75 13.11
C ASP A 313 -25.93 27.03 13.93
N GLU A 314 -24.80 27.28 14.58
CA GLU A 314 -24.60 28.43 15.45
C GLU A 314 -25.70 28.54 16.51
N PRO A 315 -25.71 27.66 17.51
CA PRO A 315 -26.58 27.87 18.68
C PRO A 315 -26.00 28.94 19.59
N TRP A 316 -26.60 29.14 20.77
CA TRP A 316 -26.18 30.26 21.60
C TRP A 316 -24.85 30.00 22.29
N TYR A 317 -24.52 28.73 22.57
CA TYR A 317 -23.29 28.46 23.29
C TYR A 317 -22.07 28.75 22.43
N ASN A 318 -21.99 28.13 21.25
CA ASN A 318 -20.91 28.43 20.30
C ASN A 318 -21.46 29.22 19.11
N GLN A 319 -20.82 30.33 18.79
CA GLN A 319 -21.23 31.20 17.70
C GLN A 319 -20.08 31.39 16.74
N LYS A 320 -20.41 31.51 15.45
CA LYS A 320 -19.40 31.67 14.42
C LYS A 320 -18.81 33.08 14.46
N THR A 321 -17.57 33.20 13.98
CA THR A 321 -16.93 34.51 13.91
C THR A 321 -17.49 35.31 12.74
N GLN A 322 -17.17 36.61 12.75
CA GLN A 322 -17.65 37.49 11.68
C GLN A 322 -17.08 37.07 10.33
N LYS A 323 -15.85 36.56 10.30
CA LYS A 323 -15.27 36.08 9.05
C LYS A 323 -16.06 34.92 8.49
N GLU A 324 -16.49 33.99 9.36
CA GLU A 324 -17.27 32.85 8.91
C GLU A 324 -18.63 33.28 8.36
N ARG A 325 -19.26 34.27 8.98
CA ARG A 325 -20.57 34.72 8.52
C ARG A 325 -20.50 35.31 7.11
N GLU A 326 -19.45 36.07 6.83
CA GLU A 326 -19.31 36.76 5.54
C GLU A 326 -18.62 35.89 4.49
N THR A 327 -19.16 34.69 4.26
CA THR A 327 -18.65 33.79 3.25
C THR A 327 -19.81 33.28 2.39
N LEU A 328 -19.52 33.05 1.12
CA LEU A 328 -20.52 32.50 0.21
C LEU A 328 -20.86 31.06 0.60
N LYS A 329 -22.13 30.71 0.42
CA LYS A 329 -22.57 29.34 0.75
C LYS A 329 -21.89 28.33 -0.15
N VAL A 330 -21.75 28.65 -1.44
CA VAL A 330 -21.10 27.73 -2.37
C VAL A 330 -19.63 27.56 -2.01
N LEU A 331 -18.94 28.65 -1.67
CA LEU A 331 -17.54 28.55 -1.30
C LEU A 331 -17.37 27.77 0.00
N LYS A 332 -18.26 28.00 0.97
CA LYS A 332 -18.20 27.23 2.21
C LYS A 332 -18.43 25.75 1.96
N MET A 333 -19.32 25.43 1.02
CA MET A 333 -19.58 24.03 0.68
C MET A 333 -18.34 23.37 0.10
N PHE A 334 -17.60 24.07 -0.76
CA PHE A 334 -16.42 23.49 -1.39
C PHE A 334 -15.34 23.18 -0.35
N THR A 335 -15.04 24.14 0.53
CA THR A 335 -14.04 23.90 1.57
C THR A 335 -14.53 22.86 2.58
N ASP A 336 -15.84 22.83 2.82
CA ASP A 336 -16.40 21.81 3.70
C ASP A 336 -16.22 20.42 3.12
N PHE A 337 -16.43 20.26 1.82
CA PHE A 337 -16.25 18.96 1.18
C PHE A 337 -14.79 18.53 1.26
N LEU A 338 -13.86 19.46 1.06
CA LEU A 338 -12.44 19.13 1.18
C LEU A 338 -12.05 18.86 2.62
N SER A 339 -12.72 19.50 3.58
CA SER A 339 -12.43 19.25 4.99
C SER A 339 -12.74 17.80 5.36
N PHE A 340 -13.84 17.26 4.85
CA PHE A 340 -14.10 15.84 5.04
C PHE A 340 -13.10 14.99 4.28
N MET A 341 -12.67 15.46 3.11
CA MET A 341 -11.69 14.72 2.32
C MET A 341 -10.37 14.60 3.05
N VAL A 342 -9.86 15.71 3.59
CA VAL A 342 -8.57 15.68 4.28
C VAL A 342 -8.68 14.95 5.61
N LEU A 343 -9.89 14.87 6.18
CA LEU A 343 -10.05 14.18 7.45
C LEU A 343 -9.90 12.67 7.27
N PHE A 344 -10.51 12.10 6.23
CA PHE A 344 -10.44 10.67 5.98
C PHE A 344 -9.38 10.30 4.95
N ASN A 345 -8.38 11.16 4.74
CA ASN A 345 -7.35 10.84 3.76
C ASN A 345 -6.48 9.66 4.19
N PHE A 346 -6.60 9.23 5.44
CA PHE A 346 -5.86 8.07 5.92
C PHE A 346 -6.36 6.76 5.31
N ILE A 347 -7.49 6.78 4.59
CA ILE A 347 -7.96 5.58 3.90
C ILE A 347 -6.87 5.07 2.95
N ILE A 348 -6.34 5.94 2.12
CA ILE A 348 -5.21 5.56 1.27
C ILE A 348 -3.92 5.72 2.06
N PRO A 349 -3.21 4.65 2.37
CA PRO A 349 -2.03 4.77 3.23
C PRO A 349 -0.77 5.17 2.47
N VAL A 350 -0.21 6.32 2.83
CA VAL A 350 1.08 6.71 2.26
C VAL A 350 2.17 5.78 2.76
N SER A 351 2.08 5.33 4.01
CA SER A 351 3.10 4.46 4.58
C SER A 351 3.20 3.14 3.82
N MET A 352 2.10 2.70 3.20
CA MET A 352 2.15 1.45 2.43
C MET A 352 3.10 1.57 1.25
N TYR A 353 3.10 2.71 0.56
CA TYR A 353 4.04 2.89 -0.55
C TYR A 353 5.47 2.97 -0.05
N VAL A 354 5.68 3.59 1.10
CA VAL A 354 7.03 3.63 1.68
C VAL A 354 7.48 2.25 2.10
N THR A 355 6.59 1.48 2.73
CA THR A 355 6.95 0.14 3.16
C THR A 355 7.22 -0.78 1.98
N VAL A 356 6.40 -0.69 0.93
CA VAL A 356 6.62 -1.51 -0.26
C VAL A 356 7.96 -1.16 -0.90
N GLU A 357 8.33 0.13 -0.90
CA GLU A 357 9.64 0.53 -1.41
C GLU A 357 10.76 -0.15 -0.62
N MET A 358 10.65 -0.14 0.70
CA MET A 358 11.67 -0.77 1.53
C MET A 358 11.62 -2.29 1.46
N GLN A 359 10.43 -2.87 1.32
CA GLN A 359 10.30 -4.32 1.28
C GLN A 359 11.02 -4.90 0.07
N LYS A 360 10.92 -4.21 -1.07
CA LYS A 360 11.61 -4.68 -2.27
C LYS A 360 13.11 -4.42 -2.21
N PHE A 361 13.54 -3.38 -1.49
CA PHE A 361 14.96 -3.07 -1.40
C PHE A 361 15.69 -4.10 -0.54
N LEU A 362 15.21 -4.30 0.68
CA LEU A 362 15.83 -5.27 1.58
C LEU A 362 15.50 -6.70 1.18
N GLY A 363 14.35 -6.93 0.57
CA GLY A 363 13.95 -8.28 0.22
C GLY A 363 14.73 -8.86 -0.94
N SER A 364 15.31 -8.00 -1.78
CA SER A 364 16.06 -8.49 -2.94
C SER A 364 17.39 -9.10 -2.55
N PHE A 365 17.99 -8.67 -1.43
CA PHE A 365 19.30 -9.17 -1.04
C PHE A 365 19.28 -10.65 -0.67
N PHE A 366 18.11 -11.22 -0.37
CA PHE A 366 18.05 -12.62 0.01
C PHE A 366 18.46 -13.53 -1.14
N ILE A 367 18.17 -13.12 -2.38
CA ILE A 367 18.59 -13.90 -3.53
C ILE A 367 20.11 -13.91 -3.65
N SER A 368 20.75 -12.75 -3.48
CA SER A 368 22.20 -12.68 -3.59
C SER A 368 22.89 -13.52 -2.52
N TRP A 369 22.40 -13.44 -1.28
CA TRP A 369 23.02 -14.16 -0.18
C TRP A 369 22.83 -15.67 -0.29
N ASP A 370 21.88 -16.12 -1.12
CA ASP A 370 21.58 -17.54 -1.19
C ASP A 370 22.79 -18.33 -1.70
N LYS A 371 23.18 -19.36 -0.93
CA LYS A 371 24.32 -20.18 -1.34
C LYS A 371 23.96 -21.14 -2.46
N ASP A 372 22.69 -21.54 -2.55
CA ASP A 372 22.30 -22.50 -3.58
C ASP A 372 22.44 -21.92 -4.98
N PHE A 373 22.48 -20.59 -5.10
CA PHE A 373 22.61 -19.96 -6.40
C PHE A 373 24.08 -19.68 -6.72
N TYR A 374 24.99 -20.47 -6.13
CA TYR A 374 26.41 -20.36 -6.36
C TYR A 374 26.90 -21.58 -7.11
N ASP A 375 27.59 -21.36 -8.23
CA ASP A 375 28.14 -22.43 -9.05
C ASP A 375 29.63 -22.53 -8.77
N GLU A 376 30.05 -23.63 -8.15
CA GLU A 376 31.45 -23.80 -7.79
C GLU A 376 32.33 -24.00 -9.02
N GLU A 377 31.76 -24.44 -10.14
CA GLU A 377 32.54 -24.64 -11.35
C GLU A 377 33.11 -23.32 -11.87
N ILE A 378 32.30 -22.26 -11.87
CA ILE A 378 32.73 -20.96 -12.36
C ILE A 378 32.93 -19.97 -11.22
N ASN A 379 32.65 -20.37 -9.99
CA ASN A 379 32.92 -19.57 -8.79
C ASN A 379 32.25 -18.20 -8.82
N GLU A 380 31.05 -18.14 -9.41
CA GLU A 380 30.28 -16.91 -9.40
C GLU A 380 28.84 -17.19 -9.00
N GLY A 381 28.20 -16.18 -8.42
CA GLY A 381 26.89 -16.34 -7.83
C GLY A 381 25.85 -15.44 -8.47
N ALA A 382 24.60 -15.73 -8.15
CA ALA A 382 23.47 -14.99 -8.72
C ALA A 382 23.41 -13.58 -8.16
N LEU A 383 22.91 -12.66 -8.99
CA LEU A 383 22.74 -11.27 -8.60
C LEU A 383 21.39 -10.76 -9.12
N VAL A 384 20.94 -9.66 -8.54
CA VAL A 384 19.63 -9.06 -8.85
C VAL A 384 19.89 -7.67 -9.41
N ASN A 385 19.76 -7.52 -10.73
CA ASN A 385 19.93 -6.21 -11.36
C ASN A 385 18.75 -5.30 -11.06
N THR A 386 17.54 -5.83 -11.19
CA THR A 386 16.31 -5.07 -10.95
C THR A 386 15.57 -5.68 -9.77
N SER A 387 15.35 -4.88 -8.73
CA SER A 387 14.68 -5.33 -7.53
C SER A 387 13.19 -5.06 -7.54
N ASP A 388 12.66 -4.47 -8.62
CA ASP A 388 11.25 -4.08 -8.64
C ASP A 388 10.31 -5.25 -8.86
N LEU A 389 10.81 -6.39 -9.34
CA LEU A 389 9.98 -7.52 -9.72
C LEU A 389 10.23 -8.73 -8.85
N ASN A 390 10.36 -8.51 -7.54
CA ASN A 390 10.51 -9.63 -6.61
C ASN A 390 9.25 -10.49 -6.60
N GLU A 391 8.08 -9.85 -6.57
CA GLU A 391 6.82 -10.59 -6.52
C GLU A 391 6.43 -11.18 -7.88
N GLU A 392 7.10 -10.77 -8.95
CA GLU A 392 6.70 -11.21 -10.28
C GLU A 392 6.93 -12.71 -10.47
N LEU A 393 7.92 -13.27 -9.77
CA LEU A 393 8.28 -14.66 -9.98
C LEU A 393 7.19 -15.62 -9.49
N GLY A 394 6.34 -15.20 -8.55
CA GLY A 394 5.32 -16.08 -8.03
C GLY A 394 4.12 -16.27 -8.93
N GLN A 395 4.02 -15.49 -10.01
CA GLN A 395 2.87 -15.57 -10.90
C GLN A 395 3.19 -16.15 -12.28
N VAL A 396 4.41 -16.67 -12.48
CA VAL A 396 4.81 -17.14 -13.79
C VAL A 396 4.02 -18.40 -14.15
N ASP A 397 3.43 -18.41 -15.34
CA ASP A 397 2.80 -19.61 -15.87
C ASP A 397 3.23 -19.94 -17.30
N TYR A 398 3.93 -19.05 -17.99
CA TYR A 398 4.55 -19.33 -19.27
C TYR A 398 6.04 -19.08 -19.18
N VAL A 399 6.84 -20.05 -19.64
CA VAL A 399 8.29 -19.96 -19.58
C VAL A 399 8.84 -20.09 -20.99
N PHE A 400 9.77 -19.21 -21.35
CA PHE A 400 10.41 -19.22 -22.66
C PHE A 400 11.92 -19.31 -22.45
N THR A 401 12.53 -20.37 -22.95
CA THR A 401 13.96 -20.59 -22.74
C THR A 401 14.76 -20.29 -24.00
N LYS A 403 17.62 -22.58 -25.06
CA LYS A 403 17.91 -23.95 -25.50
C LYS A 403 19.40 -24.22 -25.65
N THR A 404 20.01 -23.63 -26.69
CA THR A 404 21.42 -23.91 -26.97
C THR A 404 22.31 -23.44 -25.83
N GLY A 405 22.05 -22.26 -25.30
CA GLY A 405 22.84 -21.75 -24.20
C GLY A 405 22.32 -22.19 -22.84
N THR A 406 21.02 -21.98 -22.60
CA THR A 406 20.43 -22.24 -21.29
C THR A 406 20.21 -23.73 -21.07
N LEU A 407 19.38 -24.34 -21.92
CA LEU A 407 18.99 -25.73 -21.71
C LEU A 407 20.17 -26.67 -21.89
N THR A 408 21.00 -26.43 -22.89
CA THR A 408 22.14 -27.29 -23.19
C THR A 408 23.44 -26.52 -22.97
N GLU A 409 24.56 -27.18 -23.26
CA GLU A 409 25.87 -26.58 -23.05
C GLU A 409 26.81 -26.87 -24.22
N LYS A 644 26.22 -31.78 -23.14
CA LYS A 644 24.90 -31.62 -23.74
C LYS A 644 23.94 -30.97 -22.74
N LEU A 645 23.07 -31.79 -22.14
CA LEU A 645 22.13 -31.28 -21.16
C LEU A 645 22.86 -30.86 -19.88
N GLN A 646 22.25 -29.96 -19.13
CA GLN A 646 22.81 -29.51 -17.86
C GLN A 646 22.72 -30.62 -16.82
N ASP A 647 23.20 -30.33 -15.59
CA ASP A 647 23.23 -31.35 -14.55
C ASP A 647 21.84 -31.85 -14.21
N GLN A 648 20.89 -30.92 -14.07
CA GLN A 648 19.50 -31.26 -13.75
C GLN A 648 18.54 -30.59 -14.73
N ALA A 649 18.94 -30.48 -16.00
CA ALA A 649 18.09 -29.86 -17.00
C ALA A 649 16.80 -30.66 -17.21
N ALA A 650 16.93 -31.99 -17.27
CA ALA A 650 15.74 -32.83 -17.45
C ALA A 650 14.83 -32.78 -16.22
N GLU A 651 15.41 -32.79 -15.03
CA GLU A 651 14.60 -32.77 -13.81
C GLU A 651 13.92 -31.42 -13.62
N THR A 652 14.59 -30.33 -14.02
CA THR A 652 14.00 -29.01 -13.90
C THR A 652 12.75 -28.88 -14.76
N ILE A 653 12.80 -29.39 -15.99
CA ILE A 653 11.65 -29.29 -16.88
C ILE A 653 10.47 -30.06 -16.31
N GLU A 654 10.74 -31.22 -15.71
CA GLU A 654 9.66 -31.98 -15.07
C GLU A 654 9.05 -31.22 -13.92
N ALA A 655 9.88 -30.52 -13.15
CA ALA A 655 9.36 -29.76 -12.00
C ALA A 655 8.42 -28.65 -12.45
N LEU A 656 8.79 -27.93 -13.51
CA LEU A 656 7.92 -26.85 -14.01
C LEU A 656 6.59 -27.40 -14.51
N HIS A 657 6.62 -28.53 -15.20
CA HIS A 657 5.38 -29.12 -15.70
C HIS A 657 4.49 -29.58 -14.56
N ALA A 658 5.07 -30.15 -13.50
CA ALA A 658 4.28 -30.53 -12.35
C ALA A 658 3.76 -29.31 -11.60
N ALA A 659 4.40 -28.16 -11.76
CA ALA A 659 3.99 -26.94 -11.10
C ALA A 659 2.98 -26.12 -11.91
N GLY A 660 2.53 -26.64 -13.06
CA GLY A 660 1.58 -25.92 -13.88
C GLY A 660 2.17 -24.78 -14.69
N LEU A 661 3.41 -24.92 -15.13
CA LEU A 661 4.07 -23.92 -15.97
C LEU A 661 4.30 -24.53 -17.34
N LYS A 662 3.74 -23.91 -18.37
CA LYS A 662 3.97 -24.38 -19.73
C LYS A 662 5.30 -23.83 -20.24
N VAL A 663 6.25 -24.73 -20.50
CA VAL A 663 7.62 -24.36 -20.82
C VAL A 663 7.83 -24.47 -22.33
N TRP A 664 8.52 -23.49 -22.91
CA TRP A 664 8.79 -23.43 -24.33
C TRP A 664 10.29 -23.33 -24.56
N VAL A 665 10.73 -23.80 -25.74
CA VAL A 665 12.15 -23.93 -26.05
C VAL A 665 12.53 -23.13 -27.29
N LEU A 666 11.94 -21.95 -27.43
CA LEU A 666 12.27 -21.02 -28.51
C LEU A 666 13.77 -20.89 -28.67
N THR A 667 14.28 -21.29 -29.85
CA THR A 667 15.70 -21.19 -30.15
C THR A 667 15.90 -20.69 -31.57
N GLY A 668 17.07 -20.09 -31.79
CA GLY A 668 17.53 -19.75 -33.12
C GLY A 668 18.32 -20.84 -33.80
N ASP A 669 18.43 -22.00 -33.17
CA ASP A 669 19.19 -23.11 -33.75
C ASP A 669 18.40 -23.74 -34.89
N LYS A 670 19.13 -24.43 -35.78
CA LYS A 670 18.51 -25.01 -36.95
C LYS A 670 17.63 -26.21 -36.57
N MET A 671 16.77 -26.60 -37.51
CA MET A 671 15.78 -27.65 -37.24
C MET A 671 16.44 -29.00 -36.97
N GLU A 672 17.48 -29.35 -37.73
CA GLU A 672 17.99 -30.71 -37.73
C GLU A 672 18.50 -31.14 -36.35
N THR A 673 19.26 -30.26 -35.70
CA THR A 673 19.84 -30.59 -34.40
C THR A 673 18.93 -30.21 -33.22
N ALA A 674 17.92 -29.37 -33.45
CA ALA A 674 17.07 -28.92 -32.35
C ALA A 674 16.12 -30.01 -31.89
N LYS A 675 15.57 -30.80 -32.83
CA LYS A 675 14.61 -31.82 -32.46
C LYS A 675 15.24 -32.92 -31.62
N SER A 676 16.56 -33.11 -31.73
CA SER A 676 17.23 -34.16 -30.97
C SER A 676 17.13 -33.91 -29.47
N THR A 677 17.36 -32.65 -29.05
CA THR A 677 17.39 -32.35 -27.62
C THR A 677 16.01 -32.48 -26.98
N CYS A 678 14.96 -32.03 -27.67
CA CYS A 678 13.64 -31.96 -27.04
C CYS A 678 13.19 -33.33 -26.57
N TYR A 679 13.56 -34.40 -27.29
CA TYR A 679 13.29 -35.75 -26.80
C TYR A 679 14.15 -36.09 -25.60
N ALA A 680 15.40 -35.60 -25.59
CA ALA A 680 16.34 -35.98 -24.53
C ALA A 680 16.02 -35.28 -23.21
N CYS A 681 15.57 -34.03 -23.24
CA CYS A 681 15.32 -33.26 -22.03
C CYS A 681 13.96 -33.56 -21.41
N ARG A 682 13.35 -34.70 -21.77
CA ARG A 682 12.09 -35.16 -21.20
C ARG A 682 10.94 -34.22 -21.52
N LEU A 683 11.19 -33.17 -22.30
CA LEU A 683 10.12 -32.27 -22.71
C LEU A 683 9.15 -32.97 -23.64
N PHE A 684 9.67 -33.62 -24.67
CA PHE A 684 8.85 -34.35 -25.64
C PHE A 684 9.05 -35.84 -25.39
N GLN A 685 7.99 -36.51 -24.94
CA GLN A 685 8.08 -37.95 -24.70
C GLN A 685 8.13 -38.70 -26.03
N THR A 686 8.46 -39.98 -25.94
CA THR A 686 8.64 -40.81 -27.13
C THR A 686 7.35 -40.90 -27.94
N ASN A 687 6.21 -41.07 -27.26
CA ASN A 687 4.94 -41.26 -27.94
C ASN A 687 4.39 -39.98 -28.57
N THR A 688 4.96 -38.82 -28.26
CA THR A 688 4.41 -37.56 -28.74
C THR A 688 4.75 -37.37 -30.22
N GLU A 689 3.72 -37.33 -31.06
CA GLU A 689 3.92 -36.95 -32.45
C GLU A 689 3.94 -35.43 -32.57
N LEU A 690 4.53 -34.96 -33.66
CA LEU A 690 4.79 -33.54 -33.84
C LEU A 690 3.99 -32.98 -35.01
N LEU A 691 3.51 -31.75 -34.87
CA LEU A 691 2.83 -31.03 -35.94
C LEU A 691 3.88 -30.09 -36.55
N GLU A 692 4.69 -30.62 -37.45
CA GLU A 692 5.84 -29.90 -37.99
C GLU A 692 5.37 -28.90 -39.04
N LEU A 693 5.05 -27.69 -38.58
CA LEU A 693 4.72 -26.59 -39.49
C LEU A 693 6.02 -25.89 -39.89
N THR A 694 6.81 -26.60 -40.69
CA THR A 694 8.11 -26.13 -41.13
C THR A 694 8.09 -25.90 -42.64
N THR A 695 9.21 -25.38 -43.16
CA THR A 695 9.30 -25.11 -44.59
C THR A 695 9.17 -26.39 -45.41
N LYS A 696 9.53 -27.54 -44.84
CA LYS A 696 9.30 -28.80 -45.52
C LYS A 696 7.81 -29.09 -45.68
N THR A 697 6.98 -28.61 -44.76
CA THR A 697 5.55 -28.87 -44.77
C THR A 697 4.76 -27.61 -45.14
N ILE A 698 5.44 -26.55 -45.57
CA ILE A 698 4.79 -25.31 -45.98
C ILE A 698 5.22 -24.98 -47.40
N GLU A 699 4.25 -24.78 -48.28
CA GLU A 699 4.48 -24.38 -49.67
C GLU A 699 3.58 -23.21 -50.02
N GLU A 700 4.18 -22.03 -50.19
CA GLU A 700 3.49 -20.82 -50.61
C GLU A 700 2.28 -20.48 -49.75
N SER A 701 1.38 -19.66 -50.30
CA SER A 701 0.25 -19.14 -49.53
C SER A 701 -0.87 -20.16 -49.42
N GLU A 702 -1.08 -20.99 -50.45
CA GLU A 702 -2.22 -21.89 -50.45
C GLU A 702 -2.16 -22.88 -49.28
N ARG A 703 -0.98 -23.44 -49.01
CA ARG A 703 -0.86 -24.42 -47.94
C ARG A 703 -0.85 -23.77 -46.57
N LYS A 704 -0.63 -22.46 -46.49
CA LYS A 704 -0.63 -21.73 -45.22
C LYS A 704 -1.94 -21.93 -44.46
N GLU A 705 -3.06 -21.47 -45.03
CA GLU A 705 -4.35 -21.71 -44.39
C GLU A 705 -4.70 -23.19 -44.40
N ASP A 706 -4.19 -23.93 -45.38
CA ASP A 706 -4.48 -25.36 -45.45
C ASP A 706 -4.00 -26.08 -44.19
N ARG A 707 -2.74 -25.83 -43.81
CA ARG A 707 -2.22 -26.43 -42.57
C ARG A 707 -2.99 -25.94 -41.36
N LEU A 708 -3.28 -24.63 -41.30
CA LEU A 708 -3.97 -24.08 -40.14
C LEU A 708 -5.38 -24.64 -40.00
N HIS A 709 -6.14 -24.64 -41.09
CA HIS A 709 -7.52 -25.12 -41.02
C HIS A 709 -7.60 -26.59 -40.66
N GLU A 710 -6.72 -27.42 -41.24
CA GLU A 710 -6.78 -28.85 -40.94
C GLU A 710 -6.43 -29.11 -39.48
N LEU A 711 -5.49 -28.35 -38.93
CA LEU A 711 -5.25 -28.41 -37.49
C LEU A 711 -6.48 -27.97 -36.72
N LEU A 712 -7.18 -26.94 -37.20
CA LEU A 712 -8.42 -26.53 -36.56
C LEU A 712 -9.45 -27.66 -36.61
N ILE A 713 -9.43 -28.46 -37.66
CA ILE A 713 -10.30 -29.62 -37.78
C ILE A 713 -9.85 -30.74 -36.84
N GLU A 714 -8.64 -31.25 -37.05
CA GLU A 714 -8.24 -32.47 -36.36
C GLU A 714 -7.58 -32.18 -35.02
N TYR A 715 -6.69 -31.20 -34.97
CA TYR A 715 -5.94 -30.96 -33.74
C TYR A 715 -6.81 -30.32 -32.67
N ARG A 716 -7.68 -29.39 -33.07
CA ARG A 716 -8.55 -28.74 -32.09
C ARG A 716 -9.54 -29.73 -31.50
N LYS A 717 -10.02 -30.68 -32.31
CA LYS A 717 -11.05 -31.60 -31.88
C LYS A 717 -10.62 -32.44 -30.69
N LYS A 718 -9.31 -32.59 -30.47
CA LYS A 718 -8.83 -33.35 -29.31
C LYS A 718 -9.27 -32.68 -28.01
N LEU A 719 -9.16 -31.35 -27.94
CA LEU A 719 -9.56 -30.61 -26.75
C LEU A 719 -10.52 -29.48 -27.11
N GLU A 736 -3.36 -38.20 -26.59
CA GLU A 736 -4.26 -37.16 -26.10
C GLU A 736 -3.54 -35.81 -26.00
N HIS A 737 -3.52 -35.24 -24.80
CA HIS A 737 -2.83 -33.97 -24.59
C HIS A 737 -1.33 -34.14 -24.79
N GLN A 738 -0.77 -35.28 -24.35
CA GLN A 738 0.65 -35.52 -24.46
C GLN A 738 0.97 -36.23 -25.77
N GLU A 739 0.15 -35.99 -26.79
CA GLU A 739 0.38 -36.55 -28.11
C GLU A 739 0.72 -35.51 -29.17
N TYR A 740 0.24 -34.28 -29.03
CA TYR A 740 0.41 -33.23 -30.04
C TYR A 740 1.45 -32.22 -29.57
N GLY A 741 2.50 -32.06 -30.36
CA GLY A 741 3.48 -31.02 -30.14
C GLY A 741 3.67 -30.20 -31.40
N LEU A 742 3.84 -28.90 -31.24
CA LEU A 742 3.91 -27.98 -32.36
C LEU A 742 5.35 -27.55 -32.61
N ILE A 743 5.74 -27.52 -33.88
CA ILE A 743 7.05 -27.03 -34.29
C ILE A 743 6.84 -25.96 -35.36
N ILE A 744 7.48 -24.80 -35.17
CA ILE A 744 7.41 -23.69 -36.11
C ILE A 744 8.83 -23.32 -36.50
N ASP A 745 8.97 -22.79 -37.71
CA ASP A 745 10.25 -22.30 -38.21
C ASP A 745 10.21 -20.78 -38.30
N GLY A 746 11.38 -20.20 -38.62
CA GLY A 746 11.45 -18.76 -38.73
C GLY A 746 10.60 -18.21 -39.85
N SER A 747 10.65 -18.85 -41.02
CA SER A 747 9.83 -18.40 -42.14
C SER A 747 8.35 -18.64 -41.88
N THR A 748 8.01 -19.79 -41.30
CA THR A 748 6.61 -20.09 -41.03
C THR A 748 6.03 -19.13 -40.01
N LEU A 749 6.77 -18.85 -38.94
CA LEU A 749 6.29 -17.92 -37.92
C LEU A 749 6.13 -16.52 -38.48
N SER A 750 7.02 -16.12 -39.39
CA SER A 750 6.90 -14.81 -40.02
C SER A 750 5.60 -14.71 -40.82
N LEU A 751 5.28 -15.74 -41.60
CA LEU A 751 4.05 -15.72 -42.38
C LEU A 751 2.82 -15.76 -41.48
N ILE A 752 2.88 -16.55 -40.41
CA ILE A 752 1.73 -16.69 -39.52
C ILE A 752 1.38 -15.35 -38.87
N LEU A 753 2.39 -14.62 -38.42
CA LEU A 753 2.14 -13.36 -37.72
C LEU A 753 1.91 -12.22 -38.70
N ASN A 754 2.89 -11.96 -39.56
CA ASN A 754 2.85 -10.80 -40.46
C ASN A 754 1.71 -10.89 -41.46
N SER A 755 1.60 -11.99 -42.20
CA SER A 755 0.65 -12.11 -43.29
C SER A 755 -0.72 -12.59 -42.86
N SER A 756 -1.05 -12.49 -41.57
CA SER A 756 -2.35 -12.93 -41.08
C SER A 756 -3.47 -11.92 -41.28
N GLN A 757 -3.13 -10.67 -41.66
CA GLN A 757 -4.13 -9.62 -41.76
C GLN A 757 -5.08 -9.80 -42.93
N ASP A 758 -4.77 -10.71 -43.87
CA ASP A 758 -5.62 -10.88 -45.03
C ASP A 758 -6.98 -11.49 -44.70
N SER A 759 -7.06 -12.31 -43.66
CA SER A 759 -8.30 -12.98 -43.27
C SER A 759 -8.84 -12.30 -42.01
N SER A 760 -9.99 -11.65 -42.14
CA SER A 760 -10.59 -10.97 -40.98
C SER A 760 -11.45 -11.93 -40.17
N SER A 761 -12.26 -12.76 -40.85
CA SER A 761 -13.17 -13.68 -40.18
C SER A 761 -12.42 -14.62 -39.24
N ASN A 762 -11.37 -15.25 -39.75
CA ASN A 762 -10.52 -16.15 -38.96
C ASN A 762 -9.07 -15.73 -39.16
N ASN A 763 -8.58 -14.83 -38.31
CA ASN A 763 -7.21 -14.37 -38.40
C ASN A 763 -6.24 -15.51 -38.11
N TYR A 764 -5.16 -15.56 -38.88
CA TYR A 764 -4.19 -16.64 -38.70
C TYR A 764 -3.45 -16.53 -37.37
N LYS A 765 -3.43 -15.33 -36.78
CA LYS A 765 -2.86 -15.20 -35.43
C LYS A 765 -3.75 -15.87 -34.40
N SER A 766 -5.06 -15.64 -34.49
CA SER A 766 -5.99 -16.22 -33.52
C SER A 766 -6.00 -17.73 -33.60
N ILE A 767 -6.03 -18.27 -34.81
CA ILE A 767 -6.03 -19.73 -34.97
C ILE A 767 -4.70 -20.31 -34.49
N PHE A 768 -3.60 -19.59 -34.68
CA PHE A 768 -2.31 -20.05 -34.17
C PHE A 768 -2.30 -20.08 -32.65
N LEU A 769 -2.86 -19.05 -32.02
CA LEU A 769 -2.92 -19.00 -30.56
C LEU A 769 -3.81 -20.09 -30.00
N GLN A 770 -4.89 -20.42 -30.71
CA GLN A 770 -5.72 -21.55 -30.31
C GLN A 770 -4.94 -22.86 -30.34
N ILE A 771 -4.04 -22.98 -31.31
CA ILE A 771 -3.20 -24.18 -31.41
C ILE A 771 -2.26 -24.27 -30.23
N CYS A 772 -1.55 -23.17 -29.93
CA CYS A 772 -0.49 -23.23 -28.92
C CYS A 772 -1.06 -23.36 -27.51
N MET A 773 -2.28 -22.91 -27.28
CA MET A 773 -2.82 -22.87 -25.93
C MET A 773 -3.05 -24.26 -25.36
N LYS A 774 -3.15 -25.28 -26.21
CA LYS A 774 -3.44 -26.63 -25.74
C LYS A 774 -2.43 -27.65 -26.26
N CYS A 775 -1.15 -27.30 -26.24
CA CYS A 775 -0.07 -28.21 -26.60
C CYS A 775 0.81 -28.48 -25.40
N THR A 776 1.45 -29.64 -25.39
CA THR A 776 2.37 -29.98 -24.32
C THR A 776 3.62 -29.11 -24.36
N ALA A 777 4.10 -28.77 -25.57
CA ALA A 777 5.29 -27.95 -25.72
C ALA A 777 5.31 -27.35 -27.11
N VAL A 778 6.07 -26.27 -27.27
CA VAL A 778 6.27 -25.60 -28.54
C VAL A 778 7.76 -25.44 -28.76
N LEU A 779 8.26 -26.01 -29.84
CA LEU A 779 9.66 -25.89 -30.22
C LEU A 779 9.77 -25.11 -31.51
N CYS A 780 10.58 -24.05 -31.49
CA CYS A 780 10.75 -23.17 -32.64
C CYS A 780 12.21 -23.18 -33.08
N CYS A 781 12.43 -22.98 -34.38
CA CYS A 781 13.76 -23.03 -34.95
C CYS A 781 13.98 -21.85 -35.89
N ARG A 782 15.25 -21.49 -36.06
CA ARG A 782 15.65 -20.37 -36.92
C ARG A 782 14.92 -19.08 -36.52
N MET A 783 14.86 -18.82 -35.22
CA MET A 783 14.19 -17.64 -34.71
C MET A 783 15.19 -16.50 -34.56
N ALA A 784 14.97 -15.41 -35.30
CA ALA A 784 15.76 -14.21 -35.15
C ALA A 784 15.35 -13.49 -33.87
N PRO A 785 16.21 -12.64 -33.31
CA PRO A 785 15.90 -12.05 -31.99
C PRO A 785 14.59 -11.30 -31.94
N LEU A 786 14.24 -10.56 -33.00
CA LEU A 786 12.98 -9.83 -33.01
C LEU A 786 11.78 -10.76 -33.07
N GLN A 787 11.91 -11.88 -33.79
CA GLN A 787 10.84 -12.87 -33.81
C GLN A 787 10.57 -13.44 -32.42
N LYS A 788 11.63 -13.62 -31.63
CA LYS A 788 11.43 -14.08 -30.25
C LYS A 788 10.58 -13.09 -29.46
N ALA A 789 10.79 -11.79 -29.67
CA ALA A 789 9.94 -10.81 -29.02
C ALA A 789 8.50 -10.89 -29.52
N GLN A 790 8.31 -11.10 -30.82
CA GLN A 790 6.96 -11.10 -31.39
C GLN A 790 6.14 -12.26 -30.87
N ILE A 791 6.71 -13.45 -30.84
CA ILE A 791 5.98 -14.63 -30.37
C ILE A 791 5.67 -14.51 -28.88
N VAL A 792 6.62 -14.00 -28.10
CA VAL A 792 6.37 -13.75 -26.69
C VAL A 792 5.31 -12.67 -26.51
N ARG A 793 5.40 -11.60 -27.32
CA ARG A 793 4.42 -10.52 -27.23
C ARG A 793 3.02 -11.01 -27.58
N MET A 794 2.91 -11.86 -28.60
CA MET A 794 1.59 -12.33 -29.01
C MET A 794 0.98 -13.23 -27.95
N VAL A 795 1.81 -13.99 -27.22
CA VAL A 795 1.31 -14.77 -26.09
C VAL A 795 0.81 -13.85 -24.99
N LYS A 796 1.48 -12.70 -24.81
CA LYS A 796 1.09 -11.77 -23.76
C LYS A 796 -0.34 -11.25 -23.97
N ASN A 797 -0.70 -10.95 -25.22
CA ASN A 797 -2.04 -10.47 -25.54
C ASN A 797 -3.00 -11.61 -25.85
N LEU A 798 -3.14 -12.57 -24.95
CA LEU A 798 -3.98 -13.75 -25.17
C LEU A 798 -4.96 -13.87 -24.02
N LYS A 799 -6.21 -13.48 -24.26
CA LYS A 799 -7.30 -13.58 -23.29
C LYS A 799 -6.85 -13.05 -21.92
N GLY A 800 -6.42 -11.79 -21.94
CA GLY A 800 -5.79 -11.19 -20.78
C GLY A 800 -4.30 -11.05 -20.95
N SER A 801 -3.60 -11.05 -19.82
CA SER A 801 -2.14 -10.91 -19.80
C SER A 801 -1.53 -11.99 -18.93
N PRO A 802 -1.32 -13.19 -19.47
CA PRO A 802 -0.61 -14.23 -18.71
C PRO A 802 0.83 -13.79 -18.44
N ILE A 803 1.32 -14.14 -17.26
CA ILE A 803 2.68 -13.75 -16.86
C ILE A 803 3.67 -14.65 -17.56
N THR A 804 4.59 -14.05 -18.33
CA THR A 804 5.59 -14.79 -19.08
C THR A 804 6.97 -14.57 -18.49
N LEU A 805 7.77 -15.63 -18.50
CA LEU A 805 9.15 -15.60 -18.04
C LEU A 805 10.05 -15.99 -19.20
N SER A 806 10.98 -15.10 -19.55
CA SER A 806 11.92 -15.33 -20.64
C SER A 806 13.32 -15.47 -20.07
N ILE A 807 13.99 -16.56 -20.40
CA ILE A 807 15.33 -16.84 -19.91
C ILE A 807 16.25 -17.13 -21.10
N GLY A 808 17.43 -16.51 -21.09
CA GLY A 808 18.39 -16.64 -22.17
C GLY A 808 19.78 -16.18 -21.77
N ASP A 809 20.80 -16.59 -22.52
CA ASP A 809 22.18 -16.27 -22.16
C ASP A 809 22.98 -15.82 -23.38
N GLY A 810 22.34 -15.11 -24.31
CA GLY A 810 23.01 -14.67 -25.51
C GLY A 810 22.66 -13.23 -25.84
N ALA A 811 23.47 -12.64 -26.72
CA ALA A 811 23.21 -11.27 -27.16
C ALA A 811 21.93 -11.19 -27.99
N ASN A 812 21.55 -12.29 -28.64
CA ASN A 812 20.29 -12.30 -29.37
C ASN A 812 19.08 -12.43 -28.46
N ASP A 813 19.24 -13.06 -27.30
CA ASP A 813 18.12 -13.26 -26.39
C ASP A 813 17.68 -11.97 -25.71
N VAL A 814 18.43 -10.88 -25.86
CA VAL A 814 18.12 -9.64 -25.16
C VAL A 814 16.74 -9.13 -25.55
N SER A 815 16.30 -9.42 -26.77
CA SER A 815 15.01 -8.93 -27.24
C SER A 815 13.86 -9.60 -26.49
N MET A 816 13.90 -10.93 -26.38
CA MET A 816 12.81 -11.62 -25.68
C MET A 816 12.91 -11.47 -24.17
N ILE A 817 14.14 -11.36 -23.64
CA ILE A 817 14.30 -11.14 -22.20
C ILE A 817 13.68 -9.81 -21.79
N LEU A 818 13.90 -8.77 -22.60
CA LEU A 818 13.34 -7.47 -22.28
C LEU A 818 11.85 -7.42 -22.58
N GLU A 819 11.38 -8.21 -23.55
CA GLU A 819 9.98 -8.14 -23.95
C GLU A 819 9.06 -8.70 -22.88
N SER A 820 9.45 -9.81 -22.25
CA SER A 820 8.57 -10.46 -21.28
C SER A 820 8.45 -9.64 -20.01
N HIS A 821 7.58 -10.09 -19.11
CA HIS A 821 7.41 -9.41 -17.83
C HIS A 821 8.69 -9.42 -17.02
N VAL A 822 9.15 -10.61 -16.63
CA VAL A 822 10.38 -10.77 -15.88
C VAL A 822 11.37 -11.54 -16.75
N GLY A 823 12.60 -11.07 -16.80
CA GLY A 823 13.65 -11.69 -17.59
C GLY A 823 14.74 -12.26 -16.70
N ILE A 824 15.14 -13.49 -16.99
CA ILE A 824 16.24 -14.16 -16.31
C ILE A 824 17.38 -14.32 -17.30
N GLY A 825 18.55 -13.87 -16.93
CA GLY A 825 19.69 -13.95 -17.82
C GLY A 825 20.78 -14.85 -17.30
N ILE A 826 20.96 -16.01 -17.95
CA ILE A 826 22.02 -16.92 -17.53
C ILE A 826 23.37 -16.39 -17.98
N LYS A 827 24.36 -16.54 -17.12
CA LYS A 827 25.72 -16.08 -17.39
C LYS A 827 26.61 -17.28 -17.79
N GLY A 828 26.78 -17.46 -19.10
CA GLY A 828 27.47 -18.62 -19.63
C GLY A 828 28.69 -18.26 -20.49
N LYS A 829 29.11 -19.26 -21.27
CA LYS A 829 30.25 -19.10 -22.14
C LYS A 829 30.01 -18.06 -23.22
N GLU A 830 28.75 -17.85 -23.60
CA GLU A 830 28.41 -16.88 -24.63
C GLU A 830 28.85 -15.47 -24.22
N GLY A 831 28.49 -15.07 -23.01
CA GLY A 831 28.80 -13.73 -22.54
C GLY A 831 27.82 -13.29 -21.50
N ARG A 832 28.02 -12.04 -21.07
CA ARG A 832 27.17 -11.42 -20.05
C ARG A 832 26.28 -10.33 -20.63
N GLN A 833 26.05 -10.34 -21.95
CA GLN A 833 25.17 -9.35 -22.56
C GLN A 833 23.74 -9.50 -22.05
N ALA A 834 23.26 -10.74 -21.96
CA ALA A 834 21.90 -10.97 -21.50
C ALA A 834 21.76 -10.70 -20.00
N ALA A 835 22.80 -10.98 -19.22
CA ALA A 835 22.71 -10.88 -17.77
C ALA A 835 22.46 -9.43 -17.33
N ARG A 836 23.20 -8.48 -17.90
CA ARG A 836 23.14 -7.11 -17.40
C ARG A 836 21.80 -6.45 -17.68
N ASN A 837 21.18 -6.75 -18.82
CA ASN A 837 19.87 -6.17 -19.11
C ASN A 837 18.77 -6.91 -18.35
N SER A 838 18.94 -8.21 -18.13
CA SER A 838 17.91 -9.00 -17.48
C SER A 838 17.73 -8.57 -16.02
N ASP A 839 16.50 -8.77 -15.53
CA ASP A 839 16.20 -8.42 -14.14
C ASP A 839 17.01 -9.27 -13.17
N TYR A 840 17.14 -10.56 -13.44
CA TYR A 840 17.84 -11.49 -12.58
C TYR A 840 18.82 -12.31 -13.40
N SER A 841 19.83 -12.87 -12.71
CA SER A 841 20.83 -13.70 -13.35
C SER A 841 21.13 -14.91 -12.47
N VAL A 842 21.20 -16.09 -13.10
CA VAL A 842 21.53 -17.32 -12.39
C VAL A 842 22.61 -18.07 -13.17
N PRO A 843 23.47 -18.84 -12.50
CA PRO A 843 24.57 -19.49 -13.22
C PRO A 843 24.20 -20.81 -13.87
N LYS A 844 23.10 -21.46 -13.47
CA LYS A 844 22.72 -22.76 -14.00
C LYS A 844 21.21 -22.78 -14.25
N PHE A 845 20.80 -23.66 -15.16
CA PHE A 845 19.38 -23.79 -15.46
C PHE A 845 18.62 -24.48 -14.32
N LYS A 846 19.28 -25.41 -13.62
CA LYS A 846 18.62 -26.08 -12.50
C LYS A 846 18.32 -25.12 -11.35
N HIS A 847 18.96 -23.95 -11.32
CA HIS A 847 18.63 -22.94 -10.33
C HIS A 847 17.32 -22.25 -10.62
N LEU A 848 16.75 -22.41 -11.82
CA LEU A 848 15.46 -21.81 -12.12
C LEU A 848 14.36 -22.41 -11.27
N LYS A 849 14.50 -23.68 -10.91
CA LYS A 849 13.53 -24.31 -10.02
C LYS A 849 13.53 -23.64 -8.65
N LYS A 850 14.71 -23.51 -8.04
CA LYS A 850 14.79 -22.89 -6.72
C LYS A 850 14.36 -21.43 -6.76
N LEU A 851 14.62 -20.74 -7.87
CA LEU A 851 14.29 -19.32 -7.98
C LEU A 851 12.79 -19.06 -7.90
N LEU A 852 12.02 -19.59 -8.86
CA LEU A 852 10.62 -19.19 -8.95
C LEU A 852 9.74 -20.02 -8.01
N LEU A 853 10.09 -21.29 -7.80
CA LEU A 853 9.31 -22.10 -6.87
C LEU A 853 9.48 -21.62 -5.43
N ALA A 854 10.71 -21.62 -4.91
CA ALA A 854 10.94 -21.24 -3.52
C ALA A 854 10.83 -19.74 -3.31
N HIS A 855 11.72 -18.97 -3.95
CA HIS A 855 11.76 -17.53 -3.71
C HIS A 855 10.56 -16.83 -4.33
N GLY A 856 10.14 -17.27 -5.52
CA GLY A 856 9.02 -16.62 -6.18
C GLY A 856 7.72 -16.75 -5.40
N HIS A 857 7.45 -17.94 -4.87
CA HIS A 857 6.24 -18.14 -4.08
C HIS A 857 6.28 -17.31 -2.80
N LEU A 858 7.42 -17.31 -2.11
CA LEU A 858 7.53 -16.58 -0.85
C LEU A 858 7.47 -15.07 -1.08
N TYR A 859 8.13 -14.59 -2.13
CA TYR A 859 8.13 -13.15 -2.39
C TYR A 859 6.73 -12.63 -2.66
N TYR A 860 5.92 -13.39 -3.40
CA TYR A 860 4.55 -12.96 -3.69
C TYR A 860 3.69 -12.99 -2.43
N VAL A 861 3.74 -14.10 -1.69
CA VAL A 861 2.87 -14.25 -0.51
C VAL A 861 3.18 -13.17 0.52
N ARG A 862 4.47 -12.86 0.70
CA ARG A 862 4.83 -11.81 1.65
C ARG A 862 4.22 -10.47 1.27
N ILE A 863 4.31 -10.10 -0.01
CA ILE A 863 3.85 -8.77 -0.41
C ILE A 863 2.34 -8.75 -0.66
N ALA A 864 1.77 -9.88 -1.07
CA ALA A 864 0.32 -9.94 -1.27
C ALA A 864 -0.41 -9.72 0.05
N HIS A 865 0.08 -10.36 1.11
CA HIS A 865 -0.51 -10.13 2.43
C HIS A 865 -0.09 -8.78 2.99
N LEU A 866 1.05 -8.25 2.54
CA LEU A 866 1.46 -6.90 2.93
C LEU A 866 0.50 -5.85 2.40
N VAL A 867 0.11 -5.97 1.12
CA VAL A 867 -0.78 -4.99 0.52
C VAL A 867 -2.15 -5.05 1.17
N GLN A 868 -2.68 -6.26 1.35
CA GLN A 868 -4.03 -6.42 1.87
C GLN A 868 -4.11 -5.96 3.32
N TYR A 869 -3.01 -6.04 4.06
CA TYR A 869 -3.01 -5.65 5.46
C TYR A 869 -3.09 -4.14 5.62
N PHE A 870 -2.33 -3.39 4.82
CA PHE A 870 -2.32 -1.94 4.94
C PHE A 870 -3.69 -1.34 4.68
N PHE A 871 -4.36 -1.81 3.62
CA PHE A 871 -5.70 -1.29 3.33
C PHE A 871 -6.69 -1.68 4.40
N TYR A 872 -6.58 -2.90 4.94
CA TYR A 872 -7.41 -3.31 6.06
C TYR A 872 -7.10 -2.51 7.31
N LYS A 873 -5.82 -2.20 7.54
CA LYS A 873 -5.41 -1.50 8.75
C LYS A 873 -6.02 -0.11 8.81
N ASN A 874 -5.93 0.65 7.72
CA ASN A 874 -6.37 2.04 7.75
C ASN A 874 -7.89 2.17 7.68
N LEU A 875 -8.58 1.20 7.11
CA LEU A 875 -10.04 1.25 7.11
C LEU A 875 -10.58 1.14 8.54
N CYS A 876 -9.99 0.26 9.34
CA CYS A 876 -10.35 0.20 10.76
C CYS A 876 -9.98 1.49 11.47
N PHE A 877 -8.97 2.19 10.96
CA PHE A 877 -8.53 3.44 11.57
C PHE A 877 -9.55 4.55 11.35
N ILE A 878 -10.12 4.62 10.14
CA ILE A 878 -10.93 5.77 9.76
C ILE A 878 -12.41 5.53 9.97
N LEU A 879 -12.88 4.28 9.81
CA LEU A 879 -14.31 4.01 9.87
C LEU A 879 -14.95 4.50 11.17
N PRO A 880 -14.38 4.26 12.36
CA PRO A 880 -14.94 4.90 13.56
C PRO A 880 -14.92 6.42 13.50
N GLN A 881 -13.93 7.02 12.84
CA GLN A 881 -13.91 8.47 12.70
C GLN A 881 -15.07 8.94 11.84
N PHE A 882 -15.43 8.17 10.80
CA PHE A 882 -16.56 8.53 9.97
C PHE A 882 -17.87 8.42 10.74
N LEU A 883 -18.05 7.34 11.49
CA LEU A 883 -19.28 7.18 12.26
C LEU A 883 -19.43 8.23 13.35
N TYR A 884 -18.31 8.76 13.85
CA TYR A 884 -18.37 9.79 14.87
C TYR A 884 -18.94 11.10 14.34
N GLN A 885 -18.95 11.30 13.03
CA GLN A 885 -19.52 12.53 12.47
C GLN A 885 -21.02 12.58 12.70
N PHE A 886 -21.69 11.43 12.71
CA PHE A 886 -23.14 11.40 12.94
C PHE A 886 -23.47 11.92 14.34
N PHE A 887 -22.73 11.45 15.35
CA PHE A 887 -22.97 11.90 16.71
C PHE A 887 -22.38 13.26 16.99
N CYS A 888 -21.43 13.71 16.17
CA CYS A 888 -20.92 15.08 16.25
C CYS A 888 -21.84 15.99 15.46
N GLY A 889 -21.42 17.23 15.27
CA GLY A 889 -22.20 18.17 14.49
C GLY A 889 -21.79 18.22 13.04
N PHE A 890 -21.20 17.13 12.55
CA PHE A 890 -20.67 17.05 11.19
C PHE A 890 -19.65 18.15 10.93
N SER A 891 -18.88 18.51 11.96
CA SER A 891 -17.96 19.63 11.90
C SER A 891 -16.53 19.20 11.66
N GLN A 892 -16.33 18.00 11.14
CA GLN A 892 -14.99 17.44 10.88
C GLN A 892 -14.16 17.41 12.17
N GLN A 893 -14.79 16.90 13.23
CA GLN A 893 -14.11 16.80 14.52
C GLN A 893 -13.39 15.48 14.61
N PRO A 894 -12.06 15.45 14.68
CA PRO A 894 -11.34 14.17 14.74
C PRO A 894 -11.63 13.44 16.04
N LEU A 895 -11.84 12.13 15.92
CA LEU A 895 -12.12 11.31 17.11
C LEU A 895 -10.86 11.10 17.95
N TYR A 896 -9.70 11.10 17.33
CA TYR A 896 -8.43 10.84 18.00
C TYR A 896 -7.64 12.13 18.14
N ASP A 897 -6.63 12.09 19.01
CA ASP A 897 -5.75 13.24 19.16
C ASP A 897 -4.93 13.45 17.90
N ALA A 898 -4.40 14.67 17.74
CA ALA A 898 -3.57 14.98 16.59
C ALA A 898 -2.30 14.12 16.58
N ALA A 899 -1.71 13.88 17.75
CA ALA A 899 -0.52 13.05 17.83
C ALA A 899 -0.83 11.60 17.48
N TYR A 900 -1.99 11.09 17.92
CA TYR A 900 -2.33 9.70 17.68
C TYR A 900 -2.56 9.42 16.20
N LEU A 901 -3.20 10.37 15.50
CA LEU A 901 -3.44 10.19 14.07
C LEU A 901 -2.12 10.08 13.31
N THR A 902 -1.15 10.92 13.66
CA THR A 902 0.12 10.93 12.94
C THR A 902 0.90 9.64 13.16
N MET A 903 0.99 9.19 14.41
CA MET A 903 1.88 8.08 14.74
C MET A 903 1.25 6.72 14.55
N TYR A 904 -0.01 6.63 14.10
CA TYR A 904 -0.62 5.34 13.86
C TYR A 904 0.11 4.60 12.75
N ASN A 905 0.49 5.30 11.69
CA ASN A 905 1.17 4.68 10.56
C ASN A 905 2.69 4.73 10.68
N ILE A 906 3.25 5.57 11.54
CA ILE A 906 4.70 5.71 11.61
C ILE A 906 5.32 4.62 12.47
N CYS A 907 4.99 4.59 13.75
CA CYS A 907 5.69 3.74 14.69
C CYS A 907 4.80 2.75 15.42
N PHE A 908 3.48 2.90 15.35
CA PHE A 908 2.59 2.02 16.10
C PHE A 908 2.39 0.69 15.38
N THR A 909 1.85 0.72 14.17
CA THR A 909 1.45 -0.52 13.52
C THR A 909 2.28 -0.82 12.27
N SER A 910 3.13 0.09 11.81
CA SER A 910 3.89 -0.15 10.60
C SER A 910 4.96 -1.21 10.82
N LEU A 911 5.65 -1.16 11.95
CA LEU A 911 6.75 -2.09 12.19
C LEU A 911 6.31 -3.56 12.21
N PRO A 912 5.19 -3.94 12.87
CA PRO A 912 4.76 -5.35 12.81
C PRO A 912 4.67 -5.93 11.41
N ILE A 913 3.95 -5.23 10.52
CA ILE A 913 3.79 -5.75 9.17
C ILE A 913 5.07 -5.60 8.37
N LEU A 914 5.96 -4.69 8.78
CA LEU A 914 7.22 -4.52 8.06
C LEU A 914 8.13 -5.72 8.24
N ALA A 915 8.31 -6.17 9.49
CA ALA A 915 9.16 -7.35 9.73
C ALA A 915 8.52 -8.61 9.16
N TYR A 916 7.20 -8.65 9.10
CA TYR A 916 6.51 -9.80 8.53
C TYR A 916 6.88 -9.99 7.06
N SER A 917 6.89 -8.89 6.30
CA SER A 917 7.14 -8.99 4.87
C SER A 917 8.57 -9.43 4.58
N LEU A 918 9.53 -9.00 5.41
CA LEU A 918 10.93 -9.29 5.15
C LEU A 918 11.21 -10.78 5.28
N LEU A 919 10.79 -11.39 6.40
CA LEU A 919 11.10 -12.80 6.68
C LEU A 919 9.84 -13.50 7.19
N GLU A 920 9.13 -14.15 6.28
CA GLU A 920 7.99 -14.98 6.62
C GLU A 920 7.83 -16.06 5.56
N GLN A 921 7.94 -17.32 5.98
CA GLN A 921 7.73 -18.46 5.08
C GLN A 921 6.34 -19.00 5.36
N HIS A 922 5.42 -18.75 4.42
CA HIS A 922 4.08 -19.29 4.53
C HIS A 922 4.10 -20.81 4.62
N ILE A 923 4.92 -21.45 3.80
CA ILE A 923 5.26 -22.86 3.91
C ILE A 923 6.77 -22.94 4.02
N ASN A 924 7.25 -24.01 4.66
CA ASN A 924 8.69 -24.19 4.86
C ASN A 924 9.41 -24.12 3.52
N ILE A 925 10.53 -23.38 3.48
CA ILE A 925 11.21 -23.11 2.23
C ILE A 925 11.71 -24.41 1.60
N ASP A 926 12.21 -25.33 2.43
CA ASP A 926 12.66 -26.63 1.90
C ASP A 926 11.48 -27.45 1.40
N THR A 927 10.34 -27.37 2.09
CA THR A 927 9.15 -28.11 1.68
C THR A 927 8.63 -27.63 0.32
N LEU A 928 8.83 -26.35 0.00
CA LEU A 928 8.32 -25.82 -1.27
C LEU A 928 8.97 -26.52 -2.44
N THR A 929 10.29 -26.72 -2.40
CA THR A 929 10.96 -27.43 -3.48
C THR A 929 10.64 -28.91 -3.48
N SER A 930 10.30 -29.48 -2.32
CA SER A 930 9.96 -30.89 -2.25
C SER A 930 8.70 -31.20 -3.05
N ASP A 931 7.69 -30.36 -2.93
CA ASP A 931 6.42 -30.55 -3.64
C ASP A 931 6.19 -29.37 -4.58
N PRO A 932 6.47 -29.52 -5.88
CA PRO A 932 6.25 -28.40 -6.80
C PRO A 932 4.78 -28.09 -7.08
N ARG A 933 3.85 -28.89 -6.55
CA ARG A 933 2.43 -28.63 -6.74
C ARG A 933 1.94 -27.42 -5.95
N LEU A 934 2.67 -27.00 -4.92
CA LEU A 934 2.23 -25.88 -4.10
C LEU A 934 2.26 -24.56 -4.86
N TYR A 935 3.06 -24.46 -5.92
CA TYR A 935 3.11 -23.22 -6.70
C TYR A 935 1.79 -22.95 -7.40
N MET A 936 0.98 -23.99 -7.64
CA MET A 936 -0.28 -23.82 -8.35
C MET A 936 -1.33 -23.13 -7.49
N LYS A 937 -1.17 -23.12 -6.18
CA LYS A 937 -2.16 -22.50 -5.30
C LYS A 937 -2.27 -21.00 -5.55
N ILE A 938 -1.12 -20.33 -5.70
CA ILE A 938 -1.10 -18.89 -5.87
C ILE A 938 -0.87 -18.48 -7.32
N SER A 939 -1.23 -19.36 -8.27
CA SER A 939 -0.93 -19.10 -9.67
C SER A 939 -1.69 -17.89 -10.19
N GLY A 940 -3.01 -17.87 -9.97
CA GLY A 940 -3.84 -16.83 -10.56
C GLY A 940 -4.10 -15.63 -9.67
N ASN A 941 -3.04 -15.08 -9.09
CA ASN A 941 -3.15 -13.90 -8.22
C ASN A 941 -4.20 -14.13 -7.13
N ALA A 942 -4.11 -15.30 -6.48
CA ALA A 942 -5.16 -15.73 -5.57
C ALA A 942 -5.35 -14.77 -4.40
N MET A 943 -4.24 -14.31 -3.81
CA MET A 943 -4.34 -13.51 -2.59
C MET A 943 -4.92 -12.12 -2.85
N LEU A 944 -4.81 -11.61 -4.09
CA LEU A 944 -5.31 -10.28 -4.41
C LEU A 944 -6.53 -10.31 -5.31
N GLN A 945 -7.23 -11.44 -5.39
CA GLN A 945 -8.42 -11.52 -6.20
C GLN A 945 -9.58 -10.78 -5.53
N LEU A 946 -10.70 -10.70 -6.25
CA LEU A 946 -11.87 -10.02 -5.73
C LEU A 946 -12.40 -10.72 -4.48
N GLY A 947 -12.30 -12.04 -4.44
CA GLY A 947 -12.74 -12.82 -3.30
C GLY A 947 -12.05 -12.44 -2.00
N PRO A 948 -10.74 -12.71 -1.92
CA PRO A 948 -10.01 -12.34 -0.70
C PRO A 948 -10.03 -10.84 -0.41
N PHE A 949 -10.02 -9.99 -1.43
CA PHE A 949 -10.05 -8.55 -1.18
C PHE A 949 -11.36 -8.14 -0.53
N LEU A 950 -12.49 -8.68 -1.03
CA LEU A 950 -13.79 -8.28 -0.52
C LEU A 950 -13.98 -8.74 0.93
N TYR A 951 -13.41 -9.90 1.28
CA TYR A 951 -13.46 -10.36 2.66
C TYR A 951 -12.64 -9.44 3.56
N TRP A 952 -11.48 -8.98 3.08
CA TRP A 952 -10.63 -8.10 3.87
C TRP A 952 -11.35 -6.78 4.18
N THR A 953 -12.06 -6.23 3.20
CA THR A 953 -12.77 -4.97 3.40
C THR A 953 -13.92 -5.13 4.40
N PHE A 954 -14.74 -6.17 4.22
CA PHE A 954 -15.85 -6.38 5.15
C PHE A 954 -15.35 -6.67 6.56
N LEU A 955 -14.25 -7.42 6.67
CA LEU A 955 -13.68 -7.65 7.99
C LEU A 955 -13.21 -6.33 8.62
N ALA A 956 -12.61 -5.46 7.80
CA ALA A 956 -12.23 -4.14 8.30
C ALA A 956 -13.45 -3.31 8.66
N ALA A 957 -14.50 -3.39 7.84
CA ALA A 957 -15.72 -2.63 8.13
C ALA A 957 -16.41 -3.14 9.39
N PHE A 958 -16.46 -4.47 9.56
CA PHE A 958 -17.10 -5.02 10.75
C PHE A 958 -16.33 -4.64 12.01
N GLU A 959 -15.00 -4.70 11.96
CA GLU A 959 -14.20 -4.31 13.11
C GLU A 959 -14.34 -2.82 13.40
N GLY A 960 -14.48 -2.01 12.35
CA GLY A 960 -14.68 -0.59 12.57
C GLY A 960 -15.97 -0.28 13.31
N THR A 961 -17.05 -0.96 12.95
CA THR A 961 -18.34 -0.74 13.60
C THR A 961 -18.29 -1.16 15.07
N VAL A 962 -17.67 -2.32 15.35
CA VAL A 962 -17.62 -2.82 16.71
C VAL A 962 -16.81 -1.87 17.59
N PHE A 963 -15.73 -1.32 17.05
CA PHE A 963 -14.90 -0.41 17.82
C PHE A 963 -15.69 0.80 18.31
N PHE A 964 -16.42 1.44 17.40
CA PHE A 964 -17.13 2.66 17.76
C PHE A 964 -18.38 2.36 18.58
N PHE A 965 -19.31 1.60 18.01
CA PHE A 965 -20.57 1.34 18.70
C PHE A 965 -20.39 0.51 19.96
N GLY A 966 -19.32 -0.30 20.03
CA GLY A 966 -19.02 -0.97 21.28
C GLY A 966 -18.69 0.02 22.38
N THR A 967 -17.93 1.06 22.05
CA THR A 967 -17.63 2.10 23.03
C THR A 967 -18.84 3.01 23.25
N TYR A 968 -19.61 3.24 22.19
CA TYR A 968 -20.76 4.15 22.31
C TYR A 968 -21.76 3.63 23.33
N PHE A 969 -22.08 2.33 23.27
CA PHE A 969 -22.98 1.77 24.26
C PHE A 969 -22.33 1.69 25.63
N LEU A 970 -21.00 1.61 25.69
CA LEU A 970 -20.31 1.65 26.97
C LEU A 970 -20.44 3.01 27.63
N PHE A 971 -20.42 4.07 26.83
CA PHE A 971 -20.51 5.44 27.34
C PHE A 971 -21.94 5.88 27.63
N GLN A 972 -22.89 4.94 27.69
CA GLN A 972 -24.27 5.27 28.02
C GLN A 972 -24.53 5.32 29.52
N THR A 973 -23.52 5.04 30.33
CA THR A 973 -23.66 5.06 31.78
C THR A 973 -23.22 6.41 32.34
N ALA A 974 -23.49 6.61 33.63
CA ALA A 974 -23.08 7.82 34.31
C ALA A 974 -21.57 7.96 34.33
N SER A 975 -20.89 7.00 34.97
CA SER A 975 -19.45 7.00 35.07
C SER A 975 -18.95 5.56 35.06
N LEU A 976 -17.67 5.39 34.74
CA LEU A 976 -17.05 4.08 34.64
C LEU A 976 -16.02 3.85 35.74
N GLU A 977 -15.98 4.71 36.75
CA GLU A 977 -15.00 4.64 37.81
C GLU A 977 -15.71 4.64 39.16
N GLU A 978 -15.03 4.06 40.17
CA GLU A 978 -15.58 4.04 41.52
C GLU A 978 -15.76 5.46 42.06
N ASN A 979 -14.85 6.37 41.72
CA ASN A 979 -14.99 7.76 42.13
C ASN A 979 -16.11 8.49 41.39
N GLY A 980 -16.68 7.88 40.37
CA GLY A 980 -17.80 8.49 39.66
C GLY A 980 -17.45 9.75 38.90
N LYS A 981 -16.27 9.80 38.29
CA LYS A 981 -15.84 10.96 37.54
C LYS A 981 -16.08 10.73 36.05
N VAL A 982 -16.75 11.68 35.41
CA VAL A 982 -17.11 11.51 34.00
C VAL A 982 -15.86 11.56 33.13
N TYR A 983 -15.99 11.04 31.91
CA TYR A 983 -14.89 10.93 30.96
C TYR A 983 -15.20 11.79 29.73
N GLY A 984 -14.15 12.41 29.20
CA GLY A 984 -14.30 13.34 28.09
C GLY A 984 -14.34 12.67 26.74
N ASN A 985 -14.22 13.49 25.69
CA ASN A 985 -14.16 12.94 24.33
C ASN A 985 -12.77 12.43 24.01
N TRP A 986 -11.75 12.90 24.72
CA TRP A 986 -10.41 12.35 24.51
C TRP A 986 -10.27 10.98 25.15
N THR A 987 -11.05 10.69 26.20
CA THR A 987 -11.12 9.33 26.69
C THR A 987 -11.85 8.43 25.72
N PHE A 988 -12.89 8.95 25.07
CA PHE A 988 -13.61 8.19 24.06
C PHE A 988 -12.69 7.87 22.88
N GLY A 989 -11.85 8.82 22.48
CA GLY A 989 -10.92 8.56 21.40
C GLY A 989 -9.88 7.51 21.75
N THR A 990 -9.35 7.59 22.97
CA THR A 990 -8.30 6.66 23.38
C THR A 990 -8.83 5.24 23.57
N ILE A 991 -10.05 5.10 24.09
CA ILE A 991 -10.63 3.77 24.25
C ILE A 991 -10.77 3.08 22.90
N VAL A 992 -11.28 3.82 21.91
CA VAL A 992 -11.38 3.27 20.55
C VAL A 992 -9.99 2.98 20.00
N PHE A 993 -9.05 3.91 20.21
CA PHE A 993 -7.72 3.73 19.65
C PHE A 993 -6.99 2.56 20.31
N THR A 994 -7.14 2.39 21.62
CA THR A 994 -6.50 1.28 22.30
C THR A 994 -7.01 -0.06 21.77
N VAL A 995 -8.32 -0.17 21.59
CA VAL A 995 -8.88 -1.37 20.97
C VAL A 995 -8.37 -1.51 19.55
N LEU A 996 -8.25 -0.38 18.83
CA LEU A 996 -7.83 -0.42 17.45
C LEU A 996 -6.42 -0.98 17.31
N VAL A 997 -5.47 -0.46 18.10
CA VAL A 997 -4.08 -0.90 17.99
C VAL A 997 -3.96 -2.36 18.40
N PHE A 998 -4.61 -2.74 19.50
CA PHE A 998 -4.50 -4.11 20.00
C PHE A 998 -5.11 -5.10 19.03
N THR A 999 -6.26 -4.77 18.44
CA THR A 999 -6.91 -5.68 17.51
C THR A 999 -6.10 -5.85 16.23
N VAL A 1000 -5.68 -4.73 15.63
CA VAL A 1000 -4.98 -4.79 14.35
C VAL A 1000 -3.66 -5.55 14.49
N THR A 1001 -2.90 -5.25 15.55
CA THR A 1001 -1.64 -5.96 15.77
C THR A 1001 -1.87 -7.42 16.06
N LEU A 1002 -2.84 -7.74 16.94
CA LEU A 1002 -3.11 -9.15 17.26
C LEU A 1002 -3.69 -9.89 16.06
N LYS A 1003 -4.33 -9.16 15.14
CA LYS A 1003 -4.81 -9.79 13.91
C LYS A 1003 -3.64 -10.32 13.09
N LEU A 1004 -2.55 -9.55 13.02
CA LEU A 1004 -1.36 -10.02 12.31
C LEU A 1004 -0.75 -11.23 13.00
N ALA A 1005 -0.85 -11.31 14.33
CA ALA A 1005 -0.28 -12.43 15.06
C ALA A 1005 -0.93 -13.74 14.66
N LEU A 1006 -2.25 -13.74 14.49
CA LEU A 1006 -2.94 -14.96 14.04
C LEU A 1006 -2.49 -15.34 12.63
N ASP A 1007 -2.33 -14.36 11.75
CA ASP A 1007 -1.90 -14.64 10.39
C ASP A 1007 -0.48 -15.21 10.35
N THR A 1008 0.40 -14.72 11.22
CA THR A 1008 1.79 -15.15 11.20
C THR A 1008 1.90 -16.59 11.71
N ARG A 1009 2.49 -17.46 10.90
CA ARG A 1009 2.69 -18.86 11.26
C ARG A 1009 4.16 -19.24 11.33
N PHE A 1010 5.07 -18.29 11.20
CA PHE A 1010 6.51 -18.54 11.27
C PHE A 1010 7.11 -17.53 12.25
N TRP A 1011 7.11 -17.88 13.53
CA TRP A 1011 7.51 -16.96 14.59
C TRP A 1011 9.02 -17.07 14.83
N THR A 1012 9.73 -15.99 14.55
CA THR A 1012 11.16 -15.87 14.81
C THR A 1012 11.40 -14.94 15.99
N TRP A 1013 12.66 -14.78 16.38
CA TRP A 1013 12.96 -13.89 17.50
C TRP A 1013 12.67 -12.44 17.14
N ILE A 1014 12.99 -12.04 15.91
CA ILE A 1014 12.67 -10.69 15.47
C ILE A 1014 11.16 -10.50 15.34
N ASN A 1015 10.45 -11.53 14.86
CA ASN A 1015 9.00 -11.43 14.74
C ASN A 1015 8.34 -11.35 16.10
N HIS A 1016 8.84 -12.12 17.07
CA HIS A 1016 8.36 -11.99 18.44
C HIS A 1016 8.66 -10.61 19.00
N PHE A 1017 9.88 -10.13 18.77
CA PHE A 1017 10.29 -8.84 19.33
C PHE A 1017 9.49 -7.69 18.71
N VAL A 1018 9.29 -7.72 17.40
CA VAL A 1018 8.62 -6.60 16.73
C VAL A 1018 7.15 -6.56 17.09
N ILE A 1019 6.47 -7.71 17.07
CA ILE A 1019 5.04 -7.75 17.35
C ILE A 1019 4.77 -7.31 18.79
N TRP A 1020 5.32 -8.04 19.76
CA TRP A 1020 5.08 -7.70 21.16
C TRP A 1020 5.72 -6.38 21.53
N GLY A 1021 6.84 -6.02 20.90
CA GLY A 1021 7.45 -4.74 21.18
C GLY A 1021 6.62 -3.57 20.71
N SER A 1022 5.91 -3.72 19.60
CA SER A 1022 5.07 -2.63 19.08
C SER A 1022 3.86 -2.41 19.99
N LEU A 1023 3.31 -3.49 20.54
CA LEU A 1023 2.23 -3.35 21.52
C LEU A 1023 2.71 -2.65 22.78
N ALA A 1024 3.87 -3.07 23.31
CA ALA A 1024 4.40 -2.46 24.52
C ALA A 1024 4.79 -1.01 24.29
N PHE A 1025 5.25 -0.67 23.08
CA PHE A 1025 5.63 0.71 22.80
C PHE A 1025 4.42 1.64 22.85
N TYR A 1026 3.26 1.16 22.40
CA TYR A 1026 2.05 1.97 22.44
C TYR A 1026 1.67 2.32 23.87
N VAL A 1027 1.72 1.34 24.78
CA VAL A 1027 1.42 1.60 26.18
C VAL A 1027 2.45 2.57 26.77
N PHE A 1028 3.73 2.34 26.46
CA PHE A 1028 4.77 3.20 27.01
C PHE A 1028 4.65 4.63 26.50
N PHE A 1029 4.51 4.80 25.19
CA PHE A 1029 4.49 6.14 24.62
C PHE A 1029 3.29 6.94 25.12
N SER A 1030 2.13 6.28 25.23
CA SER A 1030 0.94 6.98 25.72
C SER A 1030 1.15 7.49 27.13
N PHE A 1031 1.82 6.71 27.97
CA PHE A 1031 2.18 7.19 29.30
C PHE A 1031 3.17 8.35 29.22
N PHE A 1032 4.14 8.26 28.31
CA PHE A 1032 5.12 9.34 28.17
C PHE A 1032 4.46 10.60 27.64
N TRP A 1033 3.71 10.48 26.54
CA TRP A 1033 3.01 11.64 25.99
C TRP A 1033 1.94 12.15 26.96
N GLY A 1034 1.18 11.23 27.55
CA GLY A 1034 0.13 11.62 28.48
C GLY A 1034 0.56 11.49 29.92
N GLY A 1035 0.87 12.61 30.55
CA GLY A 1035 1.30 12.60 31.94
C GLY A 1035 2.37 13.64 32.26
N ILE A 1036 3.02 14.17 31.23
CA ILE A 1036 4.05 15.19 31.39
C ILE A 1036 3.64 16.41 30.57
N ILE A 1037 3.60 17.56 31.21
CA ILE A 1037 3.27 18.82 30.53
C ILE A 1037 4.56 19.51 30.13
N TRP A 1038 4.71 19.78 28.84
CA TRP A 1038 5.87 20.47 28.28
C TRP A 1038 5.39 21.74 27.58
N PRO A 1039 5.95 22.89 27.95
CA PRO A 1039 5.47 24.16 27.40
C PRO A 1039 5.86 24.40 25.95
N PHE A 1040 5.51 23.47 25.05
CA PHE A 1040 5.60 23.75 23.63
C PHE A 1040 4.39 23.24 22.85
N LEU A 1041 3.33 22.82 23.52
CA LEU A 1041 2.05 22.51 22.89
C LEU A 1041 1.06 23.59 23.30
N LYS A 1042 0.40 24.20 22.30
CA LYS A 1042 -0.66 25.15 22.59
C LYS A 1042 -1.92 24.47 23.10
N GLN A 1043 -1.99 23.14 22.99
CA GLN A 1043 -3.13 22.36 23.45
C GLN A 1043 -2.64 21.23 24.33
N GLN A 1044 -3.34 21.00 25.44
CA GLN A 1044 -3.00 19.95 26.39
C GLN A 1044 -4.17 19.00 26.61
N ARG A 1045 -4.83 18.58 25.52
CA ARG A 1045 -6.01 17.74 25.63
C ARG A 1045 -5.68 16.38 26.24
N MET A 1046 -4.57 15.78 25.82
CA MET A 1046 -4.19 14.43 26.25
C MET A 1046 -3.27 14.45 27.47
N TYR A 1047 -3.66 15.16 28.54
CA TYR A 1047 -2.75 15.25 29.69
C TYR A 1047 -2.66 13.96 30.48
N PHE A 1048 -3.77 13.52 31.08
CA PHE A 1048 -3.77 12.38 31.97
C PHE A 1048 -4.84 11.38 31.57
N VAL A 1049 -5.28 11.46 30.32
CA VAL A 1049 -6.43 10.68 29.87
C VAL A 1049 -6.12 9.18 29.86
N PHE A 1050 -4.93 8.81 29.38
CA PHE A 1050 -4.60 7.40 29.27
C PHE A 1050 -4.53 6.73 30.64
N ALA A 1051 -3.90 7.39 31.61
CA ALA A 1051 -3.82 6.82 32.95
C ALA A 1051 -5.20 6.72 33.59
N GLN A 1052 -6.03 7.76 33.43
CA GLN A 1052 -7.38 7.70 33.95
C GLN A 1052 -8.21 6.62 33.25
N MET A 1053 -8.03 6.48 31.93
CA MET A 1053 -8.70 5.41 31.21
C MET A 1053 -8.24 4.05 31.71
N LEU A 1054 -6.95 3.90 32.00
CA LEU A 1054 -6.39 2.63 32.45
C LEU A 1054 -6.80 2.33 33.90
N SER A 1055 -7.15 3.35 34.68
CA SER A 1055 -7.42 3.19 36.10
C SER A 1055 -8.87 2.83 36.41
N SER A 1056 -9.61 2.28 35.45
CA SER A 1056 -11.00 1.88 35.65
C SER A 1056 -11.15 0.39 35.37
N VAL A 1057 -11.86 -0.31 36.24
CA VAL A 1057 -12.09 -1.74 36.03
C VAL A 1057 -13.03 -1.96 34.86
N SER A 1058 -14.04 -1.10 34.71
CA SER A 1058 -15.01 -1.26 33.63
C SER A 1058 -14.34 -1.10 32.27
N THR A 1059 -13.42 -0.15 32.14
CA THR A 1059 -12.73 0.06 30.88
C THR A 1059 -11.88 -1.15 30.51
N TRP A 1060 -11.24 -1.77 31.49
CA TRP A 1060 -10.46 -2.99 31.23
C TRP A 1060 -11.33 -4.10 30.67
N LEU A 1061 -12.51 -4.30 31.26
CA LEU A 1061 -13.39 -5.38 30.82
C LEU A 1061 -13.92 -5.11 29.41
N ALA A 1062 -14.26 -3.85 29.12
CA ALA A 1062 -14.76 -3.51 27.80
C ALA A 1062 -13.70 -3.71 26.73
N ILE A 1063 -12.46 -3.34 27.02
CA ILE A 1063 -11.38 -3.45 26.04
C ILE A 1063 -11.14 -4.91 25.67
N ILE A 1064 -11.09 -5.78 26.68
CA ILE A 1064 -10.88 -7.21 26.42
C ILE A 1064 -12.05 -7.77 25.62
N LEU A 1065 -13.26 -7.28 25.89
CA LEU A 1065 -14.42 -7.72 25.14
C LEU A 1065 -14.32 -7.32 23.67
N LEU A 1066 -13.99 -6.05 23.41
CA LEU A 1066 -13.99 -5.55 22.04
C LEU A 1066 -12.90 -6.20 21.21
N ILE A 1067 -11.76 -6.54 21.84
CA ILE A 1067 -10.71 -7.24 21.12
C ILE A 1067 -11.19 -8.62 20.67
N PHE A 1068 -11.86 -9.35 21.56
CA PHE A 1068 -12.29 -10.70 21.24
C PHE A 1068 -13.44 -10.69 20.22
N ILE A 1069 -14.36 -9.74 20.36
CA ILE A 1069 -15.48 -9.66 19.42
C ILE A 1069 -14.97 -9.31 18.02
N SER A 1070 -14.04 -8.36 17.93
CA SER A 1070 -13.49 -7.98 16.63
C SER A 1070 -12.67 -9.10 16.02
N LEU A 1071 -12.02 -9.91 16.84
CA LEU A 1071 -11.25 -11.06 16.35
C LEU A 1071 -12.08 -12.32 16.23
N PHE A 1072 -13.34 -12.29 16.65
CA PHE A 1072 -14.19 -13.48 16.55
C PHE A 1072 -14.40 -13.93 15.11
N PRO A 1073 -14.73 -13.06 14.14
CA PRO A 1073 -14.83 -13.55 12.75
C PRO A 1073 -13.53 -14.12 12.22
N GLU A 1074 -12.39 -13.58 12.63
CA GLU A 1074 -11.12 -14.11 12.17
C GLU A 1074 -10.83 -15.49 12.76
N ILE A 1075 -11.01 -15.63 14.08
CA ILE A 1075 -10.69 -16.90 14.74
C ILE A 1075 -11.67 -17.99 14.30
N LEU A 1076 -12.91 -17.60 14.00
CA LEU A 1076 -13.88 -18.58 13.49
C LEU A 1076 -13.45 -19.12 12.14
N LEU A 1077 -12.95 -18.24 11.26
CA LEU A 1077 -12.53 -18.67 9.93
C LEU A 1077 -11.34 -19.62 10.00
N ILE A 1078 -10.38 -19.33 10.88
CA ILE A 1078 -9.18 -20.16 10.97
C ILE A 1078 -9.54 -21.57 11.43
N VAL A 1079 -10.38 -21.67 12.46
CA VAL A 1079 -10.80 -22.99 12.94
C VAL A 1079 -11.65 -23.68 11.88
N LEU A 1080 -12.51 -22.93 11.20
CA LEU A 1080 -13.34 -23.52 10.14
C LEU A 1080 -12.49 -24.00 8.97
N LYS A 1081 -11.39 -23.29 8.65
CA LYS A 1081 -10.55 -23.69 7.54
C LYS A 1081 -9.90 -25.05 7.76
N ASN A 1082 -9.79 -25.51 9.01
CA ASN A 1082 -9.21 -26.81 9.27
C ASN A 1082 -10.13 -27.94 8.80
N VAL A 1083 -11.43 -27.75 8.91
CA VAL A 1083 -12.42 -28.77 8.55
C VAL A 1083 -13.08 -28.37 7.24
N ARG A 1084 -13.03 -29.28 6.26
CA ARG A 1084 -13.68 -29.09 4.97
C ARG A 1084 -13.25 -27.79 4.29
N ARG B 27 31.27 -19.50 -0.37
CA ARG B 27 31.55 -18.08 -0.53
C ARG B 27 30.48 -17.16 0.07
N PRO B 28 29.19 -17.40 -0.21
CA PRO B 28 28.15 -16.63 0.46
C PRO B 28 28.15 -16.88 1.96
N ASP B 29 27.82 -15.84 2.71
CA ASP B 29 27.80 -15.95 4.17
C ASP B 29 26.70 -16.91 4.61
N ASN B 30 27.07 -17.90 5.41
CA ASN B 30 26.18 -19.00 5.75
C ASN B 30 25.38 -18.75 7.03
N THR B 31 25.24 -17.49 7.42
CA THR B 31 24.42 -17.15 8.57
C THR B 31 22.96 -17.51 8.29
N ALA B 32 22.29 -18.06 9.31
CA ALA B 32 20.91 -18.51 9.14
C ALA B 32 20.00 -17.39 8.66
N PHE B 33 20.26 -16.16 9.11
CA PHE B 33 19.46 -15.03 8.67
C PHE B 33 19.60 -14.80 7.17
N LYS B 34 20.84 -14.78 6.67
CA LYS B 34 21.06 -14.53 5.25
C LYS B 34 20.51 -15.66 4.39
N GLN B 35 20.53 -16.90 4.91
CA GLN B 35 20.00 -18.05 4.20
C GLN B 35 18.57 -18.37 4.59
N GLN B 36 17.93 -17.53 5.41
CA GLN B 36 16.54 -17.70 5.81
C GLN B 36 16.32 -19.02 6.54
N ARG B 37 17.27 -19.38 7.42
CA ARG B 37 17.18 -20.60 8.21
C ARG B 37 17.10 -20.31 9.70
N LEU B 38 16.60 -19.13 10.07
CA LEU B 38 16.53 -18.76 11.48
C LEU B 38 15.60 -19.71 12.24
N PRO B 39 15.90 -20.01 13.50
CA PRO B 39 15.01 -20.88 14.28
C PRO B 39 13.63 -20.26 14.42
N ALA B 40 12.60 -21.11 14.36
CA ALA B 40 11.22 -20.65 14.37
C ALA B 40 10.38 -21.53 15.27
N TRP B 41 9.44 -20.89 15.99
CA TRP B 41 8.43 -21.65 16.71
C TRP B 41 7.52 -22.40 15.74
N GLN B 42 7.06 -21.71 14.69
CA GLN B 42 6.21 -22.26 13.63
C GLN B 42 5.05 -23.05 14.23
N PRO B 43 4.07 -22.38 14.83
CA PRO B 43 2.96 -23.10 15.44
C PRO B 43 2.07 -23.76 14.39
N ILE B 44 1.48 -24.88 14.78
CA ILE B 44 0.53 -25.61 13.94
C ILE B 44 -0.72 -25.84 14.79
N LEU B 45 -1.68 -24.94 14.66
CA LEU B 45 -2.93 -25.02 15.43
C LEU B 45 -3.98 -25.70 14.56
N THR B 46 -4.20 -26.99 14.80
CA THR B 46 -5.23 -27.72 14.08
C THR B 46 -6.59 -27.41 14.68
N ALA B 47 -7.63 -28.05 14.13
CA ALA B 47 -8.97 -27.90 14.68
C ALA B 47 -9.02 -28.40 16.11
N GLY B 48 -8.44 -29.57 16.38
CA GLY B 48 -8.47 -30.12 17.72
C GLY B 48 -7.65 -29.32 18.71
N THR B 49 -6.66 -28.57 18.23
CA THR B 49 -5.87 -27.74 19.11
C THR B 49 -6.70 -26.61 19.70
N VAL B 50 -7.65 -26.06 18.93
CA VAL B 50 -8.40 -24.89 19.34
C VAL B 50 -9.77 -25.22 19.91
N LEU B 51 -10.19 -26.49 19.84
CA LEU B 51 -11.50 -26.86 20.39
C LEU B 51 -11.65 -26.52 21.88
N PRO B 52 -10.68 -26.82 22.75
CA PRO B 52 -10.83 -26.41 24.15
C PRO B 52 -10.85 -24.91 24.35
N ILE B 53 -10.35 -24.12 23.39
CA ILE B 53 -10.33 -22.68 23.55
C ILE B 53 -11.75 -22.11 23.51
N PHE B 54 -12.59 -22.65 22.64
CA PHE B 54 -13.97 -22.19 22.57
C PHE B 54 -14.70 -22.45 23.88
N PHE B 55 -14.49 -23.62 24.48
CA PHE B 55 -15.15 -23.95 25.73
C PHE B 55 -14.62 -23.09 26.88
N ILE B 56 -13.31 -22.88 26.94
CA ILE B 56 -12.72 -22.17 28.08
C ILE B 56 -13.13 -20.70 28.04
N ILE B 57 -13.21 -20.10 26.84
CA ILE B 57 -13.67 -18.72 26.75
C ILE B 57 -15.12 -18.61 27.22
N GLY B 58 -15.96 -19.53 26.78
CA GLY B 58 -17.32 -19.58 27.29
C GLY B 58 -17.38 -19.87 28.77
N LEU B 59 -16.46 -20.69 29.28
CA LEU B 59 -16.43 -21.00 30.70
C LEU B 59 -16.02 -19.80 31.55
N ILE B 60 -15.36 -18.82 30.94
CA ILE B 60 -14.92 -17.64 31.69
C ILE B 60 -15.91 -16.50 31.56
N PHE B 61 -16.47 -16.32 30.36
CA PHE B 61 -17.30 -15.13 30.11
C PHE B 61 -18.62 -15.20 30.86
N ILE B 62 -19.27 -16.36 30.89
CA ILE B 62 -20.59 -16.50 31.50
C ILE B 62 -20.55 -16.16 32.99
N PRO B 63 -19.62 -16.70 33.79
CA PRO B 63 -19.61 -16.31 35.21
C PRO B 63 -19.27 -14.84 35.43
N ILE B 64 -18.27 -14.32 34.72
CA ILE B 64 -17.92 -12.91 34.87
C ILE B 64 -19.00 -12.02 34.26
N GLY B 65 -19.65 -12.50 33.19
CA GLY B 65 -20.72 -11.73 32.59
C GLY B 65 -21.92 -11.60 33.50
N ILE B 66 -22.32 -12.70 34.14
CA ILE B 66 -23.43 -12.64 35.09
C ILE B 66 -23.00 -11.93 36.37
N GLY B 67 -21.70 -11.93 36.66
CA GLY B 67 -21.21 -11.23 37.83
C GLY B 67 -21.37 -9.72 37.71
N ILE B 68 -21.04 -9.17 36.54
CA ILE B 68 -21.16 -7.73 36.36
C ILE B 68 -22.62 -7.35 36.10
N PHE B 69 -23.40 -8.26 35.53
CA PHE B 69 -24.80 -7.95 35.22
C PHE B 69 -25.63 -7.86 36.50
N VAL B 70 -25.40 -8.76 37.45
CA VAL B 70 -26.15 -8.73 38.70
C VAL B 70 -25.80 -7.49 39.51
N THR B 71 -24.56 -7.00 39.38
CA THR B 71 -24.18 -5.77 40.06
C THR B 71 -24.91 -4.57 39.49
N SER B 72 -25.13 -4.56 38.17
CA SER B 72 -25.84 -3.45 37.54
C SER B 72 -27.26 -3.33 38.06
N ASN B 73 -27.97 -4.46 38.19
CA ASN B 73 -29.33 -4.42 38.71
C ASN B 73 -29.37 -3.97 40.16
N ASN B 74 -28.36 -4.34 40.95
CA ASN B 74 -28.31 -3.93 42.35
C ASN B 74 -28.12 -2.42 42.50
N ILE B 75 -27.55 -1.77 41.48
CA ILE B 75 -27.38 -0.32 41.52
C ILE B 75 -28.73 0.36 41.38
N ARG B 76 -29.00 1.34 42.23
CA ARG B 76 -30.26 2.07 42.25
C ARG B 76 -30.02 3.47 41.70
N GLU B 77 -30.70 3.79 40.60
CA GLU B 77 -30.54 5.08 39.93
C GLU B 77 -31.91 5.64 39.56
N ILE B 78 -32.07 6.95 39.70
CA ILE B 78 -33.33 7.63 39.40
C ILE B 78 -33.05 8.83 38.51
N GLU B 79 -34.03 9.14 37.66
CA GLU B 79 -33.94 10.27 36.74
C GLU B 79 -35.16 11.16 36.90
N ILE B 80 -34.92 12.45 37.07
CA ILE B 80 -35.98 13.46 37.19
C ILE B 80 -35.68 14.58 36.21
N ASP B 81 -36.58 14.78 35.25
CA ASP B 81 -36.43 15.86 34.28
C ASP B 81 -37.10 17.12 34.82
N TYR B 82 -36.35 18.23 34.82
CA TYR B 82 -36.88 19.51 35.29
C TYR B 82 -36.89 20.57 34.20
N THR B 83 -36.77 20.16 32.93
CA THR B 83 -36.77 21.14 31.84
C THR B 83 -38.11 21.82 31.70
N GLY B 84 -39.21 21.08 31.84
CA GLY B 84 -40.53 21.63 31.61
C GLY B 84 -41.15 21.10 30.34
N THR B 85 -41.30 21.97 29.33
CA THR B 85 -41.86 21.64 28.02
C THR B 85 -43.27 21.09 28.10
N GLU B 86 -43.92 21.16 29.26
CA GLU B 86 -45.27 20.67 29.45
C GLU B 86 -46.02 21.64 30.35
N PRO B 87 -47.28 21.95 30.04
CA PRO B 87 -48.06 22.81 30.94
C PRO B 87 -48.20 22.25 32.35
N SER B 88 -48.26 20.93 32.50
CA SER B 88 -48.35 20.34 33.82
C SER B 88 -47.05 20.46 34.59
N SER B 89 -45.93 20.60 33.88
CA SER B 89 -44.64 20.72 34.55
C SER B 89 -44.57 22.06 35.30
N PRO B 90 -44.17 22.05 36.58
CA PRO B 90 -44.11 23.31 37.34
C PRO B 90 -43.04 24.28 36.87
N CYS B 91 -42.10 23.85 36.03
CA CYS B 91 -41.10 24.74 35.47
C CYS B 91 -41.58 25.43 34.19
N ASN B 92 -42.85 25.29 33.84
CA ASN B 92 -43.38 25.99 32.68
C ASN B 92 -43.27 27.50 32.86
N LYS B 93 -43.49 28.00 34.07
CA LYS B 93 -43.31 29.43 34.31
C LYS B 93 -41.84 29.82 34.17
N CYS B 94 -40.92 28.95 34.59
CA CYS B 94 -39.51 29.16 34.29
C CYS B 94 -39.20 28.97 32.82
N LEU B 95 -39.98 28.14 32.12
CA LEU B 95 -39.81 28.03 30.68
C LEU B 95 -40.06 29.36 29.99
N SER B 96 -41.10 30.06 30.41
CA SER B 96 -41.33 31.42 29.95
C SER B 96 -40.19 32.33 30.40
N PRO B 97 -39.82 33.33 29.60
CA PRO B 97 -38.66 34.15 29.95
C PRO B 97 -38.99 35.12 31.08
N ASP B 98 -38.24 35.02 32.17
CA ASP B 98 -38.42 35.87 33.34
C ASP B 98 -37.13 36.64 33.58
N VAL B 99 -37.24 37.97 33.63
CA VAL B 99 -36.07 38.80 33.90
C VAL B 99 -35.57 38.56 35.32
N THR B 100 -36.48 38.36 36.26
CA THR B 100 -36.10 37.99 37.61
C THR B 100 -35.71 36.51 37.65
N PRO B 101 -34.87 36.11 38.61
CA PRO B 101 -34.54 34.69 38.75
C PRO B 101 -35.79 33.86 39.01
N CYS B 102 -35.82 32.68 38.40
CA CYS B 102 -36.97 31.79 38.49
C CYS B 102 -36.66 30.63 39.42
N PHE B 103 -37.70 30.01 39.95
CA PHE B 103 -37.54 28.88 40.85
C PHE B 103 -38.57 27.79 40.53
N CYS B 104 -38.16 26.54 40.75
CA CYS B 104 -39.03 25.39 40.61
C CYS B 104 -39.02 24.59 41.90
N THR B 105 -40.13 23.91 42.18
CA THR B 105 -40.24 22.99 43.30
C THR B 105 -40.81 21.69 42.76
N ILE B 106 -39.94 20.72 42.50
CA ILE B 106 -40.32 19.46 41.87
C ILE B 106 -40.29 18.39 42.94
N ASN B 107 -41.43 17.70 43.13
CA ASN B 107 -41.48 16.58 44.05
C ASN B 107 -41.19 15.29 43.32
N PHE B 108 -40.53 14.35 44.01
CA PHE B 108 -40.38 12.99 43.52
C PHE B 108 -40.23 12.07 44.72
N THR B 109 -40.65 10.82 44.53
CA THR B 109 -40.66 9.83 45.60
C THR B 109 -39.84 8.62 45.19
N LEU B 110 -39.14 8.05 46.16
CA LEU B 110 -38.28 6.89 45.95
C LEU B 110 -38.84 5.71 46.73
N GLU B 111 -39.12 4.61 46.03
CA GLU B 111 -39.52 3.38 46.71
C GLU B 111 -38.34 2.58 47.22
N LYS B 112 -37.13 2.87 46.75
CA LYS B 112 -35.93 2.13 47.12
C LYS B 112 -34.94 3.09 47.76
N SER B 113 -34.34 2.67 48.88
CA SER B 113 -33.38 3.52 49.57
C SER B 113 -31.99 3.38 48.97
N PHE B 114 -31.16 4.41 49.18
CA PHE B 114 -29.76 4.42 48.77
C PHE B 114 -28.92 4.21 50.02
N GLU B 115 -28.05 3.19 49.98
CA GLU B 115 -27.21 2.86 51.12
C GLU B 115 -25.75 3.25 50.91
N GLY B 116 -25.21 3.05 49.71
CA GLY B 116 -23.84 3.38 49.43
C GLY B 116 -23.65 4.86 49.17
N ASN B 117 -22.48 5.18 48.61
CA ASN B 117 -22.16 6.56 48.26
C ASN B 117 -23.10 7.05 47.16
N VAL B 118 -23.66 8.24 47.36
CA VAL B 118 -24.66 8.80 46.45
C VAL B 118 -24.02 9.94 45.68
N PHE B 119 -24.20 9.93 44.35
CA PHE B 119 -23.64 10.94 43.47
C PHE B 119 -24.75 11.68 42.75
N MET B 120 -24.56 12.98 42.55
CA MET B 120 -25.53 13.83 41.87
C MET B 120 -24.96 14.30 40.54
N TYR B 121 -25.69 14.07 39.46
CA TYR B 121 -25.30 14.49 38.13
C TYR B 121 -26.37 15.41 37.55
N TYR B 122 -25.94 16.37 36.75
CA TYR B 122 -26.84 17.16 35.92
C TYR B 122 -26.66 16.74 34.47
N GLY B 123 -27.76 16.46 33.80
CA GLY B 123 -27.70 15.91 32.46
C GLY B 123 -28.26 16.82 31.39
N LEU B 124 -27.47 17.08 30.35
CA LEU B 124 -27.90 17.87 29.21
C LEU B 124 -28.05 16.96 28.00
N SER B 125 -29.14 17.13 27.26
CA SER B 125 -29.37 16.38 26.04
C SER B 125 -29.45 17.33 24.86
N ASN B 126 -29.00 16.84 23.70
CA ASN B 126 -28.92 17.62 22.46
C ASN B 126 -28.07 18.87 22.66
N PHE B 127 -27.03 18.76 23.49
CA PHE B 127 -26.05 19.82 23.68
C PHE B 127 -24.78 19.37 22.96
N TYR B 128 -24.61 19.81 21.73
CA TYR B 128 -23.52 19.29 20.90
C TYR B 128 -22.18 19.86 21.34
N GLN B 129 -21.67 19.34 22.47
CA GLN B 129 -20.38 19.77 22.99
C GLN B 129 -19.23 19.19 22.16
N ASN B 130 -19.51 18.20 21.31
CA ASN B 130 -18.50 17.59 20.46
C ASN B 130 -18.18 18.42 19.22
N HIS B 131 -18.87 19.54 18.99
CA HIS B 131 -18.67 20.31 17.78
C HIS B 131 -17.23 20.80 17.70
N ARG B 132 -16.64 20.70 16.50
CA ARG B 132 -15.23 21.03 16.33
C ARG B 132 -14.95 22.47 16.70
N ARG B 133 -15.81 23.38 16.26
CA ARG B 133 -15.63 24.79 16.58
C ARG B 133 -15.70 25.02 18.10
N TYR B 134 -16.58 24.27 18.77
CA TYR B 134 -16.76 24.45 20.20
C TYR B 134 -15.59 23.86 21.00
N VAL B 135 -15.14 22.67 20.61
CA VAL B 135 -14.13 21.95 21.41
C VAL B 135 -12.81 22.71 21.41
N LYS B 136 -12.38 23.16 20.23
CA LYS B 136 -11.11 23.87 20.14
C LYS B 136 -11.15 25.26 20.74
N SER B 137 -12.33 25.75 21.11
CA SER B 137 -12.49 27.10 21.64
C SER B 137 -12.05 27.18 23.10
N ARG B 138 -10.77 26.91 23.35
CA ARG B 138 -10.21 27.01 24.69
C ARG B 138 -8.70 27.18 24.58
N ASP B 139 -8.12 27.88 25.54
CA ASP B 139 -6.68 28.12 25.60
C ASP B 139 -6.15 27.51 26.88
N ASP B 140 -5.59 26.30 26.80
CA ASP B 140 -5.11 25.61 27.98
C ASP B 140 -3.86 26.27 28.55
N SER B 141 -3.05 26.92 27.71
CA SER B 141 -1.89 27.65 28.22
C SER B 141 -2.33 28.78 29.14
N GLN B 142 -3.39 29.47 28.78
CA GLN B 142 -3.94 30.51 29.65
C GLN B 142 -4.51 29.92 30.92
N LEU B 143 -5.23 28.79 30.80
CA LEU B 143 -5.82 28.14 31.97
C LEU B 143 -4.77 27.47 32.84
N ASN B 144 -3.54 27.32 32.36
CA ASN B 144 -2.47 26.71 33.14
C ASN B 144 -1.83 27.70 34.11
N GLY B 145 -2.25 28.97 34.08
CA GLY B 145 -1.65 29.96 34.96
C GLY B 145 -0.43 30.65 34.41
N ASP B 146 -0.17 30.53 33.12
CA ASP B 146 0.94 31.24 32.49
C ASP B 146 0.60 32.72 32.40
N SER B 147 1.41 33.57 33.05
CA SER B 147 1.12 34.99 33.08
C SER B 147 1.18 35.61 31.68
N SER B 148 2.10 35.12 30.85
CA SER B 148 2.25 35.66 29.50
C SER B 148 0.98 35.43 28.68
N ALA B 149 0.51 34.17 28.64
CA ALA B 149 -0.66 33.83 27.84
C ALA B 149 -1.95 34.40 28.42
N LEU B 150 -1.96 34.76 29.70
CA LEU B 150 -3.16 35.31 30.32
C LEU B 150 -3.53 36.64 29.67
N LEU B 151 -2.54 37.49 29.40
CA LEU B 151 -2.83 38.80 28.83
C LEU B 151 -3.39 38.67 27.41
N ASN B 152 -2.75 37.87 26.57
CA ASN B 152 -3.17 37.70 25.18
C ASN B 152 -3.52 36.25 24.90
N PRO B 153 -4.80 35.89 24.83
CA PRO B 153 -5.17 34.53 24.43
C PRO B 153 -4.92 34.30 22.94
N SER B 154 -4.84 33.03 22.57
CA SER B 154 -4.54 32.66 21.20
C SER B 154 -5.77 32.84 20.30
N LYS B 155 -5.61 32.46 19.04
CA LYS B 155 -6.68 32.59 18.05
C LYS B 155 -7.76 31.54 18.24
N GLU B 156 -7.53 30.53 19.08
CA GLU B 156 -8.51 29.45 19.23
C GLU B 156 -9.83 29.93 19.81
N CYS B 157 -9.79 30.81 20.80
CA CYS B 157 -11.01 31.28 21.46
C CYS B 157 -11.48 32.56 20.74
N GLU B 158 -12.38 32.36 19.78
CA GLU B 158 -12.94 33.42 18.95
C GLU B 158 -14.42 33.12 18.76
N PRO B 159 -15.33 34.11 18.85
CA PRO B 159 -15.06 35.55 18.99
C PRO B 159 -14.95 36.02 20.43
N TYR B 160 -14.67 35.10 21.35
CA TYR B 160 -14.53 35.44 22.76
C TYR B 160 -13.07 35.69 23.14
N ARG B 161 -12.28 36.20 22.20
CA ARG B 161 -10.89 36.54 22.49
C ARG B 161 -10.81 37.71 23.45
N ARG B 162 -11.55 38.78 23.15
CA ARG B 162 -11.55 39.99 23.96
C ARG B 162 -12.92 40.64 23.88
N ASN B 163 -13.35 41.25 24.98
CA ASN B 163 -14.62 41.95 25.04
C ASN B 163 -14.34 43.43 25.30
N GLU B 164 -14.82 44.28 24.39
CA GLU B 164 -14.61 45.73 24.46
C GLU B 164 -13.13 46.06 24.60
N ASP B 165 -12.31 45.35 23.82
CA ASP B 165 -10.85 45.47 23.84
C ASP B 165 -10.25 45.07 25.18
N LYS B 166 -10.94 44.23 25.95
CA LYS B 166 -10.40 43.64 27.17
C LYS B 166 -10.48 42.13 27.06
N PRO B 167 -9.37 41.40 27.21
CA PRO B 167 -9.42 39.94 27.05
C PRO B 167 -10.19 39.28 28.19
N ILE B 168 -10.83 38.17 27.86
CA ILE B 168 -11.51 37.35 28.86
C ILE B 168 -10.52 36.33 29.41
N ALA B 169 -10.41 36.27 30.74
CA ALA B 169 -9.46 35.33 31.34
C ALA B 169 -9.81 33.88 31.04
N PRO B 170 -11.03 33.40 31.32
CA PRO B 170 -11.40 32.08 30.75
C PRO B 170 -12.08 32.23 29.38
N CYS B 171 -11.29 32.57 28.37
CA CYS B 171 -11.89 32.82 27.06
C CYS B 171 -12.34 31.51 26.43
N GLY B 172 -13.18 31.64 25.41
CA GLY B 172 -13.67 30.48 24.69
C GLY B 172 -15.12 30.17 25.03
N ALA B 173 -15.79 29.52 24.07
CA ALA B 173 -17.21 29.22 24.24
C ALA B 173 -17.43 28.21 25.35
N ILE B 174 -16.46 27.32 25.58
CA ILE B 174 -16.63 26.29 26.60
C ILE B 174 -16.75 26.91 27.98
N ALA B 175 -15.82 27.82 28.31
CA ALA B 175 -15.88 28.49 29.60
C ALA B 175 -17.00 29.52 29.65
N ASN B 176 -17.29 30.15 28.51
CA ASN B 176 -18.33 31.18 28.48
C ASN B 176 -19.70 30.61 28.81
N SER B 177 -20.01 29.41 28.32
CA SER B 177 -21.34 28.82 28.46
C SER B 177 -21.40 27.83 29.62
N MET B 178 -20.71 28.12 30.71
CA MET B 178 -20.70 27.22 31.85
C MET B 178 -22.10 27.05 32.43
N PHE B 179 -22.47 25.80 32.69
CA PHE B 179 -23.79 25.48 33.22
C PHE B 179 -23.93 26.05 34.63
N ASN B 180 -24.91 26.94 34.82
CA ASN B 180 -25.08 27.65 36.09
C ASN B 180 -26.52 27.45 36.59
N ASP B 181 -26.75 26.34 37.27
CA ASP B 181 -28.01 26.07 37.93
C ASP B 181 -27.75 25.48 39.30
N THR B 182 -28.59 25.85 40.26
CA THR B 182 -28.46 25.38 41.64
C THR B 182 -29.53 24.35 41.91
N LEU B 183 -29.12 23.11 42.13
CA LEU B 183 -30.04 22.01 42.44
C LEU B 183 -29.80 21.60 43.89
N GLU B 184 -30.76 21.89 44.75
CA GLU B 184 -30.70 21.53 46.15
C GLU B 184 -31.83 20.58 46.50
N LEU B 185 -31.56 19.65 47.40
CA LEU B 185 -32.52 18.61 47.79
C LEU B 185 -32.96 18.81 49.23
N PHE B 186 -34.26 18.67 49.46
CA PHE B 186 -34.87 18.80 50.78
C PHE B 186 -35.63 17.51 51.09
N LEU B 187 -35.18 16.78 52.10
CA LEU B 187 -35.94 15.66 52.63
C LEU B 187 -37.06 16.18 53.52
N ILE B 188 -38.26 15.67 53.31
CA ILE B 188 -39.42 15.99 54.15
C ILE B 188 -39.81 14.76 54.95
N GLY B 189 -40.02 14.96 56.25
CA GLY B 189 -40.36 13.87 57.15
C GLY B 189 -41.86 13.76 57.36
N ASN B 190 -42.21 13.25 58.55
CA ASN B 190 -43.63 13.13 58.90
C ASN B 190 -44.29 14.51 58.95
N ASP B 191 -43.60 15.50 59.52
CA ASP B 191 -44.09 16.86 59.49
C ASP B 191 -43.77 17.51 58.14
N SER B 192 -44.40 18.66 57.90
CA SER B 192 -44.17 19.39 56.65
C SER B 192 -42.80 20.05 56.60
N TYR B 193 -42.07 20.07 57.71
CA TYR B 193 -40.76 20.73 57.73
C TYR B 193 -39.76 19.96 56.88
N PRO B 194 -39.09 20.60 55.93
CA PRO B 194 -38.09 19.90 55.11
C PRO B 194 -36.70 19.96 55.71
N ILE B 195 -35.85 18.99 55.38
CA ILE B 195 -34.49 18.89 55.88
C ILE B 195 -33.54 18.90 54.69
N PRO B 196 -32.60 19.84 54.62
CA PRO B 196 -31.65 19.85 53.50
C PRO B 196 -30.62 18.74 53.62
N ILE B 197 -30.26 18.17 52.47
CA ILE B 197 -29.20 17.17 52.41
C ILE B 197 -27.87 17.85 52.12
N ALA B 198 -26.85 17.52 52.91
CA ALA B 198 -25.55 18.14 52.76
C ALA B 198 -24.92 17.74 51.42
N LEU B 199 -24.30 18.72 50.75
CA LEU B 199 -23.68 18.51 49.45
C LEU B 199 -22.21 18.88 49.53
N LYS B 200 -21.37 18.12 48.83
CA LYS B 200 -19.93 18.35 48.80
C LYS B 200 -19.54 18.87 47.42
N LYS B 201 -18.96 20.08 47.38
CA LYS B 201 -18.52 20.65 46.12
C LYS B 201 -17.21 20.01 45.65
N LYS B 202 -16.31 19.73 46.59
CA LYS B 202 -14.98 19.26 46.23
C LYS B 202 -15.00 17.77 45.89
N GLY B 203 -13.98 17.35 45.15
CA GLY B 203 -13.78 15.96 44.81
C GLY B 203 -14.43 15.51 43.52
N ILE B 204 -15.30 16.32 42.94
CA ILE B 204 -15.98 15.91 41.71
C ILE B 204 -15.05 15.93 40.52
N ALA B 205 -14.09 16.85 40.50
CA ALA B 205 -13.18 16.97 39.37
C ALA B 205 -12.07 15.92 39.44
N TRP B 206 -11.42 15.70 38.31
CA TRP B 206 -10.27 14.81 38.27
C TRP B 206 -9.17 15.34 39.19
N TRP B 207 -8.47 14.42 39.86
CA TRP B 207 -7.40 14.81 40.76
C TRP B 207 -6.29 15.54 40.02
N THR B 208 -5.92 15.03 38.84
CA THR B 208 -4.82 15.62 38.10
C THR B 208 -5.21 16.96 37.47
N ASP B 209 -6.44 17.08 37.00
CA ASP B 209 -6.87 18.33 36.38
C ASP B 209 -6.90 19.48 37.39
N LYS B 210 -7.37 19.20 38.61
CA LYS B 210 -7.43 20.24 39.63
C LYS B 210 -6.04 20.67 40.07
N ASN B 211 -5.17 19.71 40.38
CA ASN B 211 -3.91 20.04 41.04
C ASN B 211 -2.82 20.42 40.05
N VAL B 212 -2.90 19.97 38.80
CA VAL B 212 -1.83 20.15 37.83
C VAL B 212 -2.29 20.90 36.59
N LYS B 213 -3.34 20.40 35.92
CA LYS B 213 -3.72 20.96 34.64
C LYS B 213 -4.26 22.38 34.79
N PHE B 214 -5.14 22.61 35.75
CA PHE B 214 -5.71 23.92 36.00
C PHE B 214 -4.99 24.54 37.20
N ARG B 215 -4.30 25.66 36.96
CA ARG B 215 -3.52 26.32 38.00
C ARG B 215 -3.84 27.81 38.01
N ASN B 216 -3.75 28.40 39.19
CA ASN B 216 -3.90 29.84 39.35
C ASN B 216 -2.63 30.56 38.89
N PRO B 217 -2.75 31.81 38.45
CA PRO B 217 -1.56 32.59 38.11
C PRO B 217 -0.66 32.75 39.31
N PRO B 218 0.66 32.75 39.13
CA PRO B 218 1.58 32.74 40.27
C PRO B 218 1.67 34.07 41.00
N GLY B 219 1.72 35.16 40.26
CA GLY B 219 1.92 36.48 40.84
C GLY B 219 0.86 36.91 41.83
N GLY B 220 1.30 37.41 42.98
CA GLY B 220 0.39 37.92 43.99
C GLY B 220 -0.20 36.82 44.86
N ASP B 221 -0.91 37.26 45.90
CA ASP B 221 -1.61 36.35 46.81
C ASP B 221 -3.12 36.47 46.66
N ASN B 222 -3.65 37.70 46.73
CA ASN B 222 -5.07 37.92 46.54
C ASN B 222 -5.46 37.73 45.08
N LEU B 223 -6.50 36.93 44.83
CA LEU B 223 -6.91 36.66 43.46
C LEU B 223 -7.40 37.92 42.76
N GLU B 224 -7.78 38.95 43.53
CA GLU B 224 -8.11 40.24 42.94
C GLU B 224 -6.93 40.81 42.16
N GLU B 225 -5.74 40.79 42.77
CA GLU B 225 -4.59 41.44 42.14
C GLU B 225 -4.12 40.70 40.90
N ARG B 226 -4.36 39.39 40.81
CA ARG B 226 -3.90 38.62 39.67
C ARG B 226 -4.59 39.05 38.38
N PHE B 227 -5.89 39.32 38.44
CA PHE B 227 -6.68 39.64 37.26
C PHE B 227 -6.93 41.16 37.22
N LYS B 228 -5.97 41.87 36.62
CA LYS B 228 -6.13 43.32 36.40
C LYS B 228 -6.68 43.61 35.00
N GLY B 229 -5.95 43.19 33.97
CA GLY B 229 -6.35 43.50 32.61
C GLY B 229 -7.51 42.67 32.11
N THR B 230 -7.64 41.44 32.60
CA THR B 230 -8.67 40.54 32.11
C THR B 230 -10.05 40.93 32.64
N THR B 231 -11.08 40.49 31.93
CA THR B 231 -12.47 40.71 32.31
C THR B 231 -13.20 39.38 32.37
N LYS B 232 -14.39 39.41 32.96
CA LYS B 232 -15.22 38.23 33.06
C LYS B 232 -15.81 37.86 31.70
N PRO B 233 -16.23 36.62 31.51
CA PRO B 233 -16.86 36.23 30.24
C PRO B 233 -18.15 37.02 30.02
N VAL B 234 -18.54 37.10 28.74
CA VAL B 234 -19.68 37.93 28.35
C VAL B 234 -20.93 37.48 29.06
N ASN B 235 -21.23 36.18 29.00
CA ASN B 235 -22.46 35.68 29.60
C ASN B 235 -22.38 35.63 31.12
N TRP B 236 -21.19 35.37 31.67
CA TRP B 236 -21.03 35.28 33.12
C TRP B 236 -21.45 36.57 33.79
N LEU B 237 -22.26 36.45 34.85
CA LEU B 237 -22.57 37.58 35.72
C LEU B 237 -21.59 37.69 36.89
N LYS B 238 -20.73 36.70 37.08
CA LYS B 238 -19.73 36.69 38.14
C LYS B 238 -18.34 36.54 37.54
N PRO B 239 -17.36 37.27 38.05
CA PRO B 239 -16.01 37.20 37.49
C PRO B 239 -15.34 35.87 37.80
N VAL B 240 -14.29 35.58 37.03
CA VAL B 240 -13.57 34.32 37.18
C VAL B 240 -12.91 34.22 38.55
N TYR B 241 -12.62 35.35 39.19
CA TYR B 241 -12.04 35.36 40.52
C TYR B 241 -13.07 35.44 41.63
N MET B 242 -14.35 35.24 41.32
CA MET B 242 -15.42 35.28 42.32
C MET B 242 -16.33 34.05 42.20
N LEU B 243 -15.76 32.91 41.85
CA LEU B 243 -16.53 31.68 41.72
C LEU B 243 -17.03 31.20 43.08
N ASP B 244 -16.12 30.94 44.01
CA ASP B 244 -16.46 30.44 45.33
C ASP B 244 -15.74 31.25 46.40
N SER B 245 -16.33 31.27 47.59
CA SER B 245 -15.77 32.06 48.69
C SER B 245 -14.39 31.55 49.09
N ASP B 246 -14.21 30.24 49.14
CA ASP B 246 -12.94 29.68 49.55
C ASP B 246 -11.85 30.03 48.54
N PRO B 247 -10.62 30.29 48.98
CA PRO B 247 -9.54 30.64 48.05
C PRO B 247 -9.03 29.48 47.21
N ASP B 248 -9.35 28.24 47.59
CA ASP B 248 -8.93 27.08 46.81
C ASP B 248 -9.96 26.66 45.78
N ASN B 249 -11.01 27.45 45.59
CA ASN B 249 -11.98 27.24 44.52
C ASN B 249 -12.35 28.55 43.83
N ASN B 250 -11.63 29.63 44.10
CA ASN B 250 -12.06 30.95 43.67
C ASN B 250 -11.85 31.17 42.17
N GLY B 251 -10.72 30.71 41.63
CA GLY B 251 -10.43 30.97 40.24
C GLY B 251 -9.67 29.88 39.53
N PHE B 252 -10.20 29.42 38.39
CA PHE B 252 -9.53 28.48 37.51
C PHE B 252 -9.36 27.11 38.16
N ILE B 253 -9.80 26.99 39.42
CA ILE B 253 -9.65 25.75 40.17
C ILE B 253 -10.98 25.28 40.76
N ASN B 254 -12.07 26.00 40.46
CA ASN B 254 -13.38 25.58 40.93
C ASN B 254 -13.74 24.22 40.36
N GLU B 255 -14.31 23.36 41.19
CA GLU B 255 -14.64 22.00 40.78
C GLU B 255 -15.64 22.00 39.63
N ASP B 256 -16.69 22.81 39.75
CA ASP B 256 -17.71 22.85 38.70
C ASP B 256 -17.14 23.40 37.39
N PHE B 257 -16.27 24.42 37.49
CA PHE B 257 -15.69 25.00 36.30
C PHE B 257 -14.81 23.99 35.57
N ILE B 258 -14.00 23.23 36.32
CA ILE B 258 -13.14 22.23 35.70
C ILE B 258 -13.96 21.13 35.06
N VAL B 259 -15.01 20.67 35.76
CA VAL B 259 -15.83 19.58 35.24
C VAL B 259 -16.51 19.99 33.94
N TRP B 260 -17.05 21.21 33.90
CA TRP B 260 -17.68 21.69 32.67
C TRP B 260 -16.66 21.85 31.55
N MET B 261 -15.39 22.10 31.89
CA MET B 261 -14.38 22.27 30.87
C MET B 261 -14.15 20.99 30.10
N ARG B 262 -14.24 19.84 30.76
CA ARG B 262 -14.07 18.56 30.08
C ARG B 262 -15.20 18.32 29.10
N THR B 263 -14.86 17.88 27.89
CA THR B 263 -15.82 17.77 26.81
C THR B 263 -16.76 16.60 27.06
N ALA B 264 -17.95 16.66 26.45
CA ALA B 264 -19.02 15.72 26.76
C ALA B 264 -18.78 14.34 26.18
N ALA B 265 -18.19 14.27 24.97
CA ALA B 265 -17.97 13.05 24.19
C ALA B 265 -19.24 12.53 23.54
N LEU B 266 -20.39 13.12 23.86
CA LEU B 266 -21.67 12.75 23.27
C LEU B 266 -22.59 13.95 23.27
N PRO B 267 -23.54 14.02 22.33
CA PRO B 267 -24.54 15.10 22.37
C PRO B 267 -25.39 15.05 23.63
N THR B 268 -25.66 13.88 24.18
CA THR B 268 -26.38 13.72 25.44
C THR B 268 -25.39 13.26 26.50
N PHE B 269 -25.24 14.04 27.55
CA PHE B 269 -24.19 13.81 28.54
C PHE B 269 -24.67 14.22 29.92
N ARG B 270 -23.91 13.79 30.93
CA ARG B 270 -24.16 14.16 32.31
C ARG B 270 -22.82 14.37 33.00
N LYS B 271 -22.75 15.42 33.83
CA LYS B 271 -21.54 15.79 34.54
C LYS B 271 -21.78 15.71 36.04
N LEU B 272 -20.73 15.37 36.78
CA LEU B 272 -20.84 15.18 38.23
C LEU B 272 -21.04 16.53 38.90
N TYR B 273 -22.27 16.76 39.38
CA TYR B 273 -22.59 18.04 40.01
C TYR B 273 -22.14 18.08 41.46
N ARG B 274 -22.66 17.18 42.28
CA ARG B 274 -22.39 17.15 43.71
C ARG B 274 -22.08 15.73 44.15
N LEU B 275 -21.53 15.60 45.35
CA LEU B 275 -21.22 14.31 45.95
C LEU B 275 -21.80 14.29 47.35
N ILE B 276 -22.56 13.24 47.66
CA ILE B 276 -23.16 13.07 48.98
C ILE B 276 -22.49 11.86 49.64
N GLU B 277 -21.64 12.13 50.62
CA GLU B 277 -20.97 11.05 51.34
C GLU B 277 -21.98 10.29 52.21
N ARG B 278 -21.61 9.07 52.56
CA ARG B 278 -22.46 8.26 53.42
C ARG B 278 -22.60 8.91 54.78
N LYS B 279 -23.81 8.85 55.34
CA LYS B 279 -24.08 9.47 56.63
C LYS B 279 -23.31 8.75 57.73
N SER B 280 -22.85 9.52 58.72
CA SER B 280 -22.14 8.93 59.84
C SER B 280 -23.04 8.00 60.66
N ASP B 281 -24.33 8.29 60.69
CA ASP B 281 -25.27 7.44 61.41
C ASP B 281 -25.50 6.15 60.64
N LEU B 282 -26.02 5.13 61.34
CA LEU B 282 -26.21 3.81 60.76
C LEU B 282 -27.31 3.78 59.71
N HIS B 283 -28.18 4.78 59.65
CA HIS B 283 -29.21 4.80 58.63
C HIS B 283 -28.60 4.97 57.24
N PRO B 284 -29.30 4.54 56.20
CA PRO B 284 -28.76 4.67 54.84
C PRO B 284 -28.55 6.13 54.46
N THR B 285 -27.65 6.34 53.49
CA THR B 285 -27.29 7.68 53.07
C THR B 285 -28.50 8.47 52.63
N LEU B 286 -29.33 7.88 51.78
CA LEU B 286 -30.55 8.53 51.30
C LEU B 286 -31.72 7.60 51.57
N PRO B 287 -32.46 7.79 52.66
CA PRO B 287 -33.61 6.94 52.94
C PRO B 287 -34.73 7.15 51.92
N ALA B 288 -35.49 6.08 51.70
CA ALA B 288 -36.61 6.11 50.76
C ALA B 288 -37.72 6.98 51.34
N GLY B 289 -38.01 8.10 50.69
CA GLY B 289 -39.03 9.00 51.17
C GLY B 289 -39.34 10.06 50.13
N ARG B 290 -40.25 10.95 50.50
CA ARG B 290 -40.67 12.02 49.61
C ARG B 290 -39.64 13.13 49.60
N TYR B 291 -39.28 13.59 48.39
CA TYR B 291 -38.23 14.57 48.21
C TYR B 291 -38.72 15.74 47.40
N SER B 292 -38.23 16.93 47.73
CA SER B 292 -38.55 18.17 47.03
C SER B 292 -37.27 18.79 46.51
N LEU B 293 -37.32 19.31 45.29
CA LEU B 293 -36.13 19.81 44.61
C LEU B 293 -36.26 21.31 44.32
N ASN B 294 -35.20 22.05 44.63
CA ASN B 294 -35.01 23.41 44.15
C ASN B 294 -34.40 23.38 42.75
N VAL B 295 -34.95 24.19 41.86
CA VAL B 295 -34.34 24.49 40.57
C VAL B 295 -34.29 26.00 40.41
N THR B 296 -33.09 26.55 40.26
CA THR B 296 -32.94 27.99 40.08
C THR B 296 -33.04 28.39 38.60
N TYR B 297 -32.89 27.44 37.69
CA TYR B 297 -33.16 27.62 36.26
C TYR B 297 -32.61 28.90 35.68
N ASN B 298 -31.29 29.07 35.71
CA ASN B 298 -30.63 30.20 35.07
C ASN B 298 -30.03 29.83 33.72
N TYR B 299 -30.38 28.67 33.18
CA TYR B 299 -29.77 28.16 31.96
C TYR B 299 -30.82 28.02 30.87
N PRO B 300 -30.84 28.91 29.87
CA PRO B 300 -31.84 28.81 28.80
C PRO B 300 -31.52 27.69 27.83
N VAL B 301 -31.94 26.46 28.16
CA VAL B 301 -31.62 25.29 27.35
C VAL B 301 -32.70 24.97 26.32
N HIS B 302 -33.88 25.58 26.43
CA HIS B 302 -35.00 25.20 25.57
C HIS B 302 -34.89 25.74 24.16
N TYR B 303 -34.01 26.72 23.92
CA TYR B 303 -33.95 27.36 22.61
C TYR B 303 -33.54 26.38 21.53
N PHE B 304 -32.54 25.53 21.81
CA PHE B 304 -32.03 24.57 20.83
C PHE B 304 -32.58 23.17 21.07
N ASP B 305 -33.81 23.07 21.59
CA ASP B 305 -34.47 21.80 21.89
C ASP B 305 -33.71 20.99 22.93
N GLY B 306 -32.94 21.65 23.79
CA GLY B 306 -32.23 20.94 24.83
C GLY B 306 -33.13 20.55 25.98
N ARG B 307 -32.64 19.62 26.79
CA ARG B 307 -33.33 19.18 27.98
C ARG B 307 -32.34 19.10 29.14
N LYS B 308 -32.85 19.26 30.36
CA LYS B 308 -32.03 19.20 31.56
C LYS B 308 -32.60 18.16 32.51
N ARG B 309 -31.74 17.28 33.00
CA ARG B 309 -32.12 16.23 33.93
C ARG B 309 -31.11 16.17 35.07
N MET B 310 -31.59 15.74 36.23
CA MET B 310 -30.74 15.56 37.41
C MET B 310 -30.73 14.08 37.75
N ILE B 311 -29.53 13.54 37.99
CA ILE B 311 -29.32 12.10 38.14
C ILE B 311 -28.81 11.83 39.54
N LEU B 312 -29.45 10.88 40.22
CA LEU B 312 -28.98 10.35 41.50
C LEU B 312 -28.60 8.90 41.28
N SER B 313 -27.34 8.57 41.56
CA SER B 313 -26.82 7.24 41.29
C SER B 313 -25.97 6.74 42.45
N THR B 314 -25.91 5.42 42.59
CA THR B 314 -25.01 4.75 43.51
C THR B 314 -23.96 4.00 42.70
N ILE B 315 -22.71 4.10 43.12
CA ILE B 315 -21.57 3.63 42.33
C ILE B 315 -21.01 2.35 42.94
N SER B 316 -20.73 1.38 42.09
CA SER B 316 -20.07 0.13 42.45
C SER B 316 -18.67 0.13 41.83
N TRP B 317 -17.99 -1.00 41.95
CA TRP B 317 -16.60 -1.08 41.47
C TRP B 317 -16.52 -0.80 39.98
N MET B 318 -17.46 -1.34 39.21
CA MET B 318 -17.45 -1.11 37.76
C MET B 318 -17.87 0.32 37.44
N GLY B 319 -18.79 0.88 38.21
CA GLY B 319 -19.25 2.24 37.97
C GLY B 319 -20.76 2.39 38.07
N GLY B 320 -21.34 3.16 37.16
CA GLY B 320 -22.76 3.39 37.17
C GLY B 320 -23.54 2.22 36.60
N LYS B 321 -24.86 2.40 36.53
CA LYS B 321 -25.74 1.36 36.02
C LYS B 321 -25.62 1.23 34.51
N ASN B 322 -24.90 0.21 34.04
CA ASN B 322 -24.68 -0.04 32.62
C ASN B 322 -24.99 -1.51 32.32
N PRO B 323 -26.22 -1.82 31.90
CA PRO B 323 -26.54 -3.22 31.56
C PRO B 323 -25.86 -3.72 30.30
N PHE B 324 -25.33 -2.83 29.46
CA PHE B 324 -24.75 -3.26 28.18
C PHE B 324 -23.55 -4.17 28.39
N LEU B 325 -22.69 -3.83 29.36
CA LEU B 325 -21.51 -4.65 29.61
C LEU B 325 -21.90 -6.04 30.09
N GLY B 326 -22.90 -6.14 30.96
CA GLY B 326 -23.35 -7.44 31.41
C GLY B 326 -23.98 -8.26 30.30
N ILE B 327 -24.82 -7.62 29.48
CA ILE B 327 -25.46 -8.32 28.37
C ILE B 327 -24.44 -8.79 27.34
N ALA B 328 -23.45 -7.94 27.05
CA ALA B 328 -22.52 -8.22 25.97
C ALA B 328 -21.70 -9.49 26.26
N TYR B 329 -21.26 -9.67 27.50
CA TYR B 329 -20.57 -10.90 27.86
C TYR B 329 -21.47 -12.12 27.70
N ILE B 330 -22.74 -11.99 28.07
CA ILE B 330 -23.67 -13.11 27.94
C ILE B 330 -23.83 -13.50 26.48
N ALA B 331 -23.95 -12.51 25.59
CA ALA B 331 -24.13 -12.80 24.18
C ALA B 331 -22.91 -13.53 23.60
N VAL B 332 -21.72 -12.98 23.83
CA VAL B 332 -20.51 -13.61 23.31
C VAL B 332 -20.23 -14.92 24.05
N GLY B 333 -20.50 -14.94 25.36
CA GLY B 333 -20.24 -16.15 26.13
C GLY B 333 -21.11 -17.31 25.70
N SER B 334 -22.41 -17.06 25.52
CA SER B 334 -23.32 -18.12 25.10
C SER B 334 -23.00 -18.57 23.68
N ILE B 335 -22.73 -17.62 22.78
CA ILE B 335 -22.42 -17.97 21.39
C ILE B 335 -21.13 -18.80 21.33
N SER B 336 -20.11 -18.37 22.06
CA SER B 336 -18.84 -19.10 22.04
C SER B 336 -19.01 -20.52 22.55
N PHE B 337 -19.75 -20.69 23.65
CA PHE B 337 -20.01 -22.03 24.17
C PHE B 337 -20.89 -22.82 23.22
N LEU B 338 -21.92 -22.19 22.65
CA LEU B 338 -22.80 -22.89 21.72
C LEU B 338 -22.05 -23.31 20.46
N LEU B 339 -21.25 -22.41 19.89
CA LEU B 339 -20.43 -22.78 18.75
C LEU B 339 -19.35 -23.77 19.15
N GLY B 340 -18.89 -23.71 20.41
CA GLY B 340 -17.96 -24.72 20.88
C GLY B 340 -18.56 -26.11 20.86
N VAL B 341 -19.83 -26.23 21.27
CA VAL B 341 -20.53 -27.51 21.18
C VAL B 341 -20.72 -27.91 19.72
N VAL B 342 -21.13 -26.95 18.88
CA VAL B 342 -21.35 -27.25 17.47
C VAL B 342 -20.05 -27.68 16.80
N LEU B 343 -18.96 -26.97 17.08
CA LEU B 343 -17.66 -27.37 16.54
C LEU B 343 -17.22 -28.71 17.12
N LEU B 344 -17.55 -28.96 18.39
CA LEU B 344 -17.21 -30.26 18.98
C LEU B 344 -17.95 -31.39 18.29
N VAL B 345 -19.23 -31.18 17.96
CA VAL B 345 -20.03 -32.23 17.34
C VAL B 345 -19.49 -32.56 15.95
N ILE B 346 -19.21 -31.53 15.16
CA ILE B 346 -18.82 -31.75 13.76
C ILE B 346 -17.47 -32.46 13.69
N ASN B 347 -16.56 -32.14 14.60
CA ASN B 347 -15.29 -32.86 14.65
C ASN B 347 -15.43 -34.22 15.32
N HIS B 348 -16.44 -34.38 16.19
CA HIS B 348 -16.71 -35.70 16.77
C HIS B 348 -17.13 -36.70 15.70
N LYS B 349 -17.80 -36.22 14.65
CA LYS B 349 -18.20 -37.11 13.57
C LYS B 349 -17.00 -37.72 12.85
N TYR B 350 -15.85 -37.05 12.89
CA TYR B 350 -14.64 -37.57 12.28
C TYR B 350 -13.81 -38.36 13.29
#